data_1PCX
#
_entry.id   1PCX
#
_cell.length_a   94.930
_cell.length_b   94.930
_cell.length_c   198.574
_cell.angle_alpha   90.00
_cell.angle_beta   90.00
_cell.angle_gamma   120.00
#
_symmetry.space_group_name_H-M   'P 32 2 1'
#
loop_
_entity.id
_entity.type
_entity.pdbx_description
1 polymer 'Protein transport protein Sec24'
2 polymer 'COPII-binding peptide of the protein transport protein BET1'
3 non-polymer 'ZINC ION'
4 water water
#
loop_
_entity_poly.entity_id
_entity_poly.type
_entity_poly.pdbx_seq_one_letter_code
_entity_poly.pdbx_strand_id
1 'polypeptide(L)'
;AAPAYGQPSAAMGQNMRPMNQLYPIDLLTELPPPITDLTLPPPPLVIPPERMLVPSELSNASPDYIRSTLNAVPKNSSLL
KKSKLPFGLVIRPYQHLYDDIDPPPLNEDGLIVRCRRCRSYMNPFVTFIEQGRRWRCNFCRLANDVPMQMDQSDPNDPKS
RYDRNEIKCAVMEYMAPKEYTLRQPPPATYCFLIDVSQSSIKSGLLATTINTLLQNLDSIPNHDERTRISILCVDNAIHY
FKIPLDSENNEESADQINMMDIADLEEPFLPRPNSMVVSLKACRQNIETLLTKIPQIFQSNLITNFALGPALKSAYHLIG
GVGGKIIVVSGTLPNLGIGKLQRRNESGVVNTSKETAQLLSCQDSFYKNFTIDCSKVQITVDLFLASEDYMDVASLSNLS
RFTAGQTHFYPGFSGKNPNDIVKFSTEFAKHISMDFCMETVMRARGSTGLRMSRFYGHFFNRSSDLCAFSTMPRDQSYLF
EVNVDESIMADYCYVQVAVLLSLNNSQRRIRIITLAMPTTESLAEVYASADQLAIASFYNSKAVEKALNSSLDDARVLIN
KSVQDILATYKKEIVVSNTAGGAPLRLCANLRMFPLLMHSLTKHMAFRSGIVPSDHRASALNNLESLPLKYLIKNIYPDV
YSLHDMADEAGLPVQTEDGEATGTIVLPQPINATSSLFERYGLYLIDNGNELFLWMGGDAVPALVFDVFGTQDIFDIPIG
KQEIPVVENSEFNQRVRNIINQLRNHDDVITYQSLYIVRGASLSEPVNHASAREVATLRLWASSTLVEDKILNNESYREF
LQIMKARISK
;
A
2 'polypeptide(L)' LASLESQS B
#
loop_
_chem_comp.id
_chem_comp.type
_chem_comp.name
_chem_comp.formula
ZN non-polymer 'ZINC ION' 'Zn 2'
#
# COMPACT_ATOMS: atom_id res chain seq x y z
N ARG A 17 9.01 22.20 -28.74
CA ARG A 17 7.98 22.14 -27.65
C ARG A 17 8.59 22.32 -26.27
N PRO A 18 7.75 22.51 -25.23
CA PRO A 18 8.19 22.71 -23.85
C PRO A 18 8.79 21.49 -23.12
N MET A 19 9.56 20.65 -23.81
CA MET A 19 10.17 19.47 -23.18
C MET A 19 10.98 19.85 -21.92
N ASN A 20 10.66 19.21 -20.80
CA ASN A 20 11.37 19.47 -19.54
C ASN A 20 12.86 19.56 -19.79
N GLN A 21 13.55 20.42 -19.07
CA GLN A 21 14.98 20.54 -19.28
C GLN A 21 15.87 19.98 -18.18
N LEU A 22 17.03 19.49 -18.60
CA LEU A 22 18.02 18.91 -17.71
C LEU A 22 18.64 19.97 -16.77
N TYR A 23 18.52 19.74 -15.47
CA TYR A 23 19.08 20.65 -14.45
C TYR A 23 20.20 19.92 -13.69
N PRO A 24 21.44 19.98 -14.20
CA PRO A 24 22.60 19.32 -13.60
C PRO A 24 22.98 19.77 -12.18
N ILE A 25 23.34 18.79 -11.35
CA ILE A 25 23.71 19.06 -9.97
C ILE A 25 24.83 18.13 -9.52
N ASP A 26 25.48 18.50 -8.42
CA ASP A 26 26.55 17.70 -7.85
C ASP A 26 25.99 17.15 -6.55
N LEU A 27 25.82 15.84 -6.47
CA LEU A 27 25.28 15.23 -5.26
C LEU A 27 26.12 15.52 -4.03
N LEU A 28 27.44 15.61 -4.24
CA LEU A 28 28.37 15.87 -3.16
C LEU A 28 28.18 17.24 -2.54
N THR A 29 27.48 18.11 -3.25
CA THR A 29 27.22 19.47 -2.79
C THR A 29 25.86 19.62 -2.08
N GLU A 30 25.13 18.51 -1.96
CA GLU A 30 23.82 18.55 -1.36
C GLU A 30 23.68 17.64 -0.15
N LEU A 31 24.47 17.94 0.87
CA LEU A 31 24.44 17.17 2.10
C LEU A 31 24.45 18.12 3.27
N PRO A 32 23.52 17.93 4.21
CA PRO A 32 22.53 16.85 4.12
C PRO A 32 21.61 17.01 2.91
N PRO A 33 21.03 15.90 2.42
CA PRO A 33 20.11 15.87 1.27
C PRO A 33 18.90 16.79 1.42
N PRO A 34 18.41 17.38 0.31
CA PRO A 34 17.24 18.28 0.27
C PRO A 34 15.94 17.48 0.38
N ILE A 35 15.77 16.77 1.50
CA ILE A 35 14.61 15.92 1.69
C ILE A 35 13.24 16.52 1.42
N THR A 36 13.17 17.82 1.13
CA THR A 36 11.87 18.41 0.83
C THR A 36 11.43 17.98 -0.57
N ASP A 37 12.36 17.38 -1.31
CA ASP A 37 12.07 16.90 -2.67
C ASP A 37 11.15 15.69 -2.66
N LEU A 38 11.17 14.94 -1.55
CA LEU A 38 10.33 13.76 -1.43
C LEU A 38 8.87 14.11 -1.58
N THR A 39 8.54 15.39 -1.38
CA THR A 39 7.16 15.83 -1.46
C THR A 39 6.85 16.63 -2.71
N LEU A 40 7.76 16.66 -3.68
CA LEU A 40 7.49 17.40 -4.91
C LEU A 40 6.76 16.50 -5.90
N PRO A 41 5.99 17.11 -6.82
CA PRO A 41 5.28 16.32 -7.81
C PRO A 41 6.31 15.92 -8.87
N PRO A 42 6.10 14.79 -9.54
CA PRO A 42 7.04 14.33 -10.57
C PRO A 42 7.15 15.35 -11.69
N PRO A 43 8.09 15.13 -12.65
CA PRO A 43 8.25 16.07 -13.77
C PRO A 43 6.93 16.19 -14.55
N PRO A 44 6.67 17.37 -15.15
CA PRO A 44 5.44 17.59 -15.92
C PRO A 44 5.25 16.67 -17.11
N LEU A 45 4.00 16.46 -17.53
CA LEU A 45 3.71 15.66 -18.70
C LEU A 45 3.47 16.64 -19.86
N VAL A 46 4.53 16.85 -20.64
CA VAL A 46 4.52 17.79 -21.77
C VAL A 46 3.60 17.42 -22.93
N ILE A 47 2.33 17.80 -22.84
CA ILE A 47 1.40 17.50 -23.92
C ILE A 47 0.66 18.78 -24.29
N PRO A 48 0.86 19.27 -25.52
CA PRO A 48 0.20 20.49 -25.98
C PRO A 48 -1.32 20.30 -26.07
N PRO A 49 -2.08 21.40 -25.96
CA PRO A 49 -3.56 21.39 -26.01
C PRO A 49 -4.19 20.74 -27.24
N GLU A 50 -3.44 20.68 -28.34
CA GLU A 50 -3.96 20.09 -29.57
C GLU A 50 -4.18 18.57 -29.49
N ARG A 51 -3.28 17.86 -28.83
CA ARG A 51 -3.41 16.41 -28.71
C ARG A 51 -4.59 16.03 -27.85
N MET A 52 -5.13 17.00 -27.11
CA MET A 52 -6.26 16.76 -26.24
C MET A 52 -7.53 17.38 -26.79
N LEU A 53 -8.60 16.60 -26.82
CA LEU A 53 -9.88 17.08 -27.35
C LEU A 53 -10.45 18.23 -26.54
N VAL A 54 -10.36 18.15 -25.22
CA VAL A 54 -10.87 19.21 -24.34
C VAL A 54 -9.81 19.56 -23.28
N PRO A 55 -8.79 20.34 -23.69
CA PRO A 55 -7.68 20.79 -22.83
C PRO A 55 -8.06 21.30 -21.44
N SER A 56 -7.66 20.54 -20.43
CA SER A 56 -7.90 20.87 -19.03
C SER A 56 -6.87 20.11 -18.23
N GLU A 57 -6.78 20.36 -16.93
CA GLU A 57 -5.81 19.62 -16.14
C GLU A 57 -6.28 18.19 -16.05
N LEU A 58 -7.60 18.04 -15.93
CA LEU A 58 -8.22 16.73 -15.85
C LEU A 58 -8.09 15.92 -17.13
N SER A 59 -7.60 16.56 -18.19
CA SER A 59 -7.46 15.91 -19.51
C SER A 59 -6.43 14.79 -19.57
N ASN A 60 -5.37 14.89 -18.77
CA ASN A 60 -4.36 13.83 -18.75
C ASN A 60 -4.39 13.19 -17.38
N ALA A 61 -3.96 11.93 -17.29
CA ALA A 61 -3.99 11.22 -16.03
C ALA A 61 -3.12 11.84 -14.92
N SER A 62 -3.74 11.95 -13.75
CA SER A 62 -3.07 12.48 -12.57
C SER A 62 -2.06 11.46 -12.04
N PRO A 63 -1.05 11.93 -11.28
CA PRO A 63 -0.03 11.05 -10.70
C PRO A 63 -0.60 10.22 -9.54
N ASP A 64 -1.73 10.67 -9.01
CA ASP A 64 -2.39 9.95 -7.93
C ASP A 64 -2.98 8.62 -8.39
N TYR A 65 -3.30 8.52 -9.69
CA TYR A 65 -3.83 7.27 -10.24
C TYR A 65 -2.74 6.50 -10.99
N ILE A 66 -1.88 7.22 -11.69
CA ILE A 66 -0.83 6.55 -12.43
C ILE A 66 0.42 7.40 -12.60
N ARG A 67 1.56 6.77 -12.39
CA ARG A 67 2.84 7.44 -12.52
C ARG A 67 3.83 6.55 -13.28
N SER A 68 4.25 7.06 -14.43
CA SER A 68 5.19 6.36 -15.26
C SER A 68 6.55 6.73 -14.72
N THR A 69 7.49 5.79 -14.78
CA THR A 69 8.85 6.04 -14.32
C THR A 69 9.42 7.09 -15.27
N LEU A 70 8.89 7.10 -16.49
CA LEU A 70 9.35 8.00 -17.53
C LEU A 70 8.22 8.83 -18.13
N ASN A 71 8.32 10.15 -17.99
CA ASN A 71 7.31 11.05 -18.54
C ASN A 71 7.77 11.66 -19.86
N ALA A 72 8.76 11.00 -20.45
CA ALA A 72 9.32 11.38 -21.75
C ALA A 72 9.83 10.03 -22.25
N VAL A 73 8.92 9.25 -22.80
CA VAL A 73 9.24 7.91 -23.26
C VAL A 73 10.22 7.81 -24.41
N PRO A 74 11.25 6.95 -24.26
CA PRO A 74 12.25 6.75 -25.29
C PRO A 74 11.50 6.35 -26.55
N LYS A 75 11.93 6.87 -27.69
CA LYS A 75 11.25 6.57 -28.96
C LYS A 75 11.60 5.20 -29.55
N ASN A 76 12.50 4.48 -28.89
CA ASN A 76 12.90 3.15 -29.37
C ASN A 76 13.68 2.38 -28.30
N SER A 77 13.73 1.06 -28.48
CA SER A 77 14.41 0.14 -27.57
C SER A 77 15.86 0.47 -27.25
N SER A 78 16.68 0.67 -28.28
CA SER A 78 18.10 0.96 -28.05
C SER A 78 18.32 2.18 -27.15
N LEU A 79 17.41 3.14 -27.19
CA LEU A 79 17.57 4.34 -26.37
C LEU A 79 17.15 4.08 -24.92
N LEU A 80 16.23 3.15 -24.73
CA LEU A 80 15.75 2.80 -23.39
C LEU A 80 16.79 1.96 -22.66
N LYS A 81 17.38 1.01 -23.38
CA LYS A 81 18.39 0.15 -22.79
C LYS A 81 19.60 0.98 -22.42
N LYS A 82 19.85 2.05 -23.19
CA LYS A 82 20.98 2.93 -22.93
C LYS A 82 20.78 3.80 -21.69
N SER A 83 19.54 4.25 -21.48
CA SER A 83 19.25 5.09 -20.32
C SER A 83 19.46 4.33 -19.02
N LYS A 84 19.16 3.04 -19.04
CA LYS A 84 19.29 2.21 -17.85
C LYS A 84 18.22 2.59 -16.84
N LEU A 85 17.27 3.41 -17.27
CA LEU A 85 16.14 3.83 -16.42
C LEU A 85 15.05 2.83 -16.72
N PRO A 86 14.37 2.31 -15.69
CA PRO A 86 13.32 1.33 -15.95
C PRO A 86 12.04 1.98 -16.44
N PHE A 87 11.23 1.23 -17.21
CA PHE A 87 9.97 1.77 -17.71
C PHE A 87 8.87 0.98 -16.99
N GLY A 88 8.24 1.62 -16.01
CA GLY A 88 7.19 0.96 -15.26
C GLY A 88 6.05 1.88 -14.89
N LEU A 89 4.95 1.31 -14.41
CA LEU A 89 3.79 2.09 -14.04
C LEU A 89 3.31 1.81 -12.62
N VAL A 90 3.25 2.86 -11.81
CA VAL A 90 2.75 2.69 -10.45
C VAL A 90 1.27 3.00 -10.63
N ILE A 91 0.45 1.97 -10.49
CA ILE A 91 -1.00 2.10 -10.67
C ILE A 91 -1.79 1.94 -9.38
N ARG A 92 -2.68 2.90 -9.13
CA ARG A 92 -3.50 2.90 -7.92
C ARG A 92 -4.96 3.24 -8.30
N PRO A 93 -5.75 2.23 -8.65
CA PRO A 93 -7.16 2.42 -9.03
C PRO A 93 -7.97 3.28 -8.07
N TYR A 94 -7.83 3.05 -6.77
CA TYR A 94 -8.56 3.83 -5.76
C TYR A 94 -7.66 4.69 -4.89
N GLN A 95 -8.21 5.82 -4.44
CA GLN A 95 -7.47 6.80 -3.65
C GLN A 95 -7.85 6.94 -2.19
N HIS A 96 -8.91 6.27 -1.76
CA HIS A 96 -9.35 6.38 -0.37
C HIS A 96 -10.01 5.09 0.10
N LEU A 97 -10.13 4.92 1.40
CA LEU A 97 -10.76 3.72 1.94
C LEU A 97 -12.25 3.68 1.63
N TYR A 98 -12.86 4.86 1.49
CA TYR A 98 -14.29 4.93 1.21
C TYR A 98 -14.53 5.63 -0.11
N ASP A 99 -15.34 4.99 -0.96
CA ASP A 99 -15.61 5.51 -2.30
C ASP A 99 -16.31 6.83 -2.43
N ASP A 100 -16.98 7.28 -1.39
CA ASP A 100 -17.67 8.55 -1.44
C ASP A 100 -16.71 9.74 -1.41
N ILE A 101 -15.42 9.47 -1.20
CA ILE A 101 -14.43 10.54 -1.15
C ILE A 101 -13.75 10.78 -2.48
N ASP A 102 -13.87 12.00 -2.99
CA ASP A 102 -13.26 12.42 -4.26
C ASP A 102 -13.34 11.42 -5.43
N PRO A 103 -14.53 10.83 -5.68
CA PRO A 103 -14.65 9.86 -6.78
C PRO A 103 -14.42 10.48 -8.16
N PRO A 104 -14.14 9.63 -9.16
CA PRO A 104 -13.92 10.15 -10.52
C PRO A 104 -15.31 10.40 -11.10
N PRO A 105 -15.38 11.09 -12.25
CA PRO A 105 -16.69 11.36 -12.88
C PRO A 105 -17.31 10.04 -13.33
N LEU A 106 -18.61 9.88 -13.10
CA LEU A 106 -19.31 8.65 -13.46
C LEU A 106 -20.28 8.75 -14.64
N ASN A 107 -20.11 7.87 -15.63
CA ASN A 107 -20.98 7.83 -16.81
C ASN A 107 -22.11 6.83 -16.54
N GLU A 108 -23.33 7.16 -16.97
CA GLU A 108 -24.47 6.27 -16.75
C GLU A 108 -25.27 5.90 -18.00
N ASP A 109 -25.17 6.69 -19.06
CA ASP A 109 -25.95 6.43 -20.27
C ASP A 109 -25.71 5.02 -20.83
N GLY A 110 -24.58 4.43 -20.51
CA GLY A 110 -24.31 3.08 -21.00
C GLY A 110 -23.55 2.96 -22.30
N LEU A 111 -23.33 4.09 -22.98
CA LEU A 111 -22.59 4.10 -24.24
C LEU A 111 -21.09 3.91 -23.95
N ILE A 112 -20.52 2.84 -24.49
CA ILE A 112 -19.10 2.55 -24.31
C ILE A 112 -18.37 2.48 -25.64
N VAL A 113 -17.85 3.61 -26.12
CA VAL A 113 -17.15 3.62 -27.39
C VAL A 113 -15.80 2.91 -27.28
N ARG A 114 -15.61 1.86 -28.07
CA ARG A 114 -14.37 1.10 -28.03
C ARG A 114 -13.89 0.69 -29.40
N CYS A 115 -12.59 0.83 -29.61
CA CYS A 115 -11.97 0.47 -30.88
C CYS A 115 -12.25 -0.99 -31.23
N ARG A 116 -12.57 -1.25 -32.49
CA ARG A 116 -12.87 -2.62 -32.92
C ARG A 116 -11.69 -3.58 -32.83
N ARG A 117 -10.48 -3.08 -33.06
CA ARG A 117 -9.30 -3.94 -32.99
C ARG A 117 -8.64 -4.09 -31.60
N CYS A 118 -7.97 -3.04 -31.13
CA CYS A 118 -7.27 -3.09 -29.84
C CYS A 118 -8.17 -3.14 -28.61
N ARG A 119 -9.43 -2.73 -28.79
CA ARG A 119 -10.45 -2.72 -27.73
C ARG A 119 -10.26 -1.63 -26.67
N SER A 120 -9.43 -0.64 -26.96
CA SER A 120 -9.20 0.45 -26.01
C SER A 120 -10.43 1.33 -25.91
N TYR A 121 -10.55 2.07 -24.81
CA TYR A 121 -11.69 2.93 -24.59
C TYR A 121 -11.51 4.35 -25.10
N MET A 122 -12.63 4.98 -25.49
CA MET A 122 -12.63 6.36 -25.99
C MET A 122 -11.93 7.22 -24.94
N ASN A 123 -11.04 8.09 -25.39
CA ASN A 123 -10.28 8.92 -24.46
C ASN A 123 -9.90 10.28 -25.03
N PRO A 124 -9.39 11.17 -24.17
CA PRO A 124 -8.97 12.52 -24.54
C PRO A 124 -7.91 12.59 -25.64
N PHE A 125 -7.37 11.44 -26.04
CA PHE A 125 -6.33 11.48 -27.05
C PHE A 125 -6.69 10.92 -28.41
N VAL A 126 -7.97 10.68 -28.63
CA VAL A 126 -8.41 10.20 -29.93
C VAL A 126 -8.54 11.42 -30.83
N THR A 127 -8.57 11.18 -32.14
CA THR A 127 -8.69 12.26 -33.09
C THR A 127 -9.92 12.04 -33.98
N PHE A 128 -10.78 13.03 -34.06
CA PHE A 128 -11.98 12.95 -34.87
C PHE A 128 -11.67 13.40 -36.29
N ILE A 129 -11.72 12.47 -37.24
CA ILE A 129 -11.43 12.83 -38.61
C ILE A 129 -12.65 12.68 -39.49
N GLU A 130 -12.63 13.39 -40.61
CA GLU A 130 -13.73 13.36 -41.57
C GLU A 130 -15.04 13.83 -40.95
N GLN A 131 -15.14 15.14 -40.75
CA GLN A 131 -16.34 15.75 -40.20
C GLN A 131 -16.77 15.13 -38.88
N GLY A 132 -15.80 14.66 -38.10
CA GLY A 132 -16.12 14.05 -36.83
C GLY A 132 -17.10 12.91 -36.99
N ARG A 133 -16.98 12.20 -38.11
CA ARG A 133 -17.85 11.07 -38.39
C ARG A 133 -17.18 9.79 -37.91
N ARG A 134 -15.85 9.78 -38.00
CA ARG A 134 -15.06 8.63 -37.58
C ARG A 134 -13.86 9.06 -36.73
N TRP A 135 -13.46 8.21 -35.78
CA TRP A 135 -12.33 8.52 -34.93
C TRP A 135 -11.15 7.59 -35.12
N ARG A 136 -9.96 8.20 -35.12
CA ARG A 136 -8.72 7.46 -35.27
C ARG A 136 -8.21 7.10 -33.87
N CYS A 137 -8.09 5.82 -33.61
CA CYS A 137 -7.64 5.30 -32.32
C CYS A 137 -6.19 5.71 -32.06
N ASN A 138 -5.92 6.30 -30.91
CA ASN A 138 -4.57 6.73 -30.57
C ASN A 138 -3.66 5.60 -30.14
N PHE A 139 -4.21 4.42 -29.91
CA PHE A 139 -3.38 3.30 -29.50
C PHE A 139 -2.92 2.47 -30.69
N CYS A 140 -3.83 2.25 -31.64
CA CYS A 140 -3.50 1.47 -32.83
C CYS A 140 -3.87 2.15 -34.15
N ARG A 141 -4.06 3.46 -34.14
CA ARG A 141 -4.37 4.21 -35.37
C ARG A 141 -5.48 3.69 -36.29
N LEU A 142 -6.34 2.81 -35.80
CA LEU A 142 -7.42 2.29 -36.64
C LEU A 142 -8.53 3.30 -36.81
N ALA A 143 -9.15 3.32 -37.99
CA ALA A 143 -10.25 4.23 -38.25
C ALA A 143 -11.52 3.58 -37.73
N ASN A 144 -12.17 4.23 -36.77
CA ASN A 144 -13.39 3.69 -36.19
C ASN A 144 -14.59 4.59 -36.47
N ASP A 145 -15.77 3.99 -36.51
CA ASP A 145 -16.99 4.75 -36.78
C ASP A 145 -17.60 5.34 -35.52
N VAL A 146 -17.84 6.65 -35.54
CA VAL A 146 -18.41 7.36 -34.41
C VAL A 146 -19.89 7.05 -34.28
N PRO A 147 -20.29 6.44 -33.16
CA PRO A 147 -21.69 6.11 -32.97
C PRO A 147 -22.51 7.38 -33.10
N MET A 148 -23.62 7.32 -33.82
CA MET A 148 -24.47 8.48 -33.97
C MET A 148 -25.02 8.84 -32.60
N GLN A 149 -24.97 7.88 -31.67
CA GLN A 149 -25.45 8.10 -30.32
C GLN A 149 -24.55 9.09 -29.58
N MET A 150 -23.37 9.33 -30.13
CA MET A 150 -22.39 10.26 -29.56
C MET A 150 -22.75 11.73 -29.79
N ASP A 151 -24.00 12.01 -30.11
CA ASP A 151 -24.41 13.39 -30.35
C ASP A 151 -25.78 13.78 -29.81
N GLN A 152 -26.27 13.05 -28.80
CA GLN A 152 -27.58 13.35 -28.23
C GLN A 152 -27.49 14.33 -27.07
N PRO A 158 -29.16 19.52 -23.65
CA PRO A 158 -28.52 20.40 -24.64
C PRO A 158 -26.99 20.38 -24.59
N LYS A 159 -26.38 19.26 -25.01
CA LYS A 159 -24.92 19.10 -24.99
C LYS A 159 -24.38 18.32 -26.20
N SER A 160 -23.09 18.47 -26.48
CA SER A 160 -22.44 17.78 -27.60
C SER A 160 -21.61 16.59 -27.13
N ARG A 161 -20.90 15.97 -28.06
CA ARG A 161 -20.06 14.83 -27.75
C ARG A 161 -18.91 15.27 -26.85
N TYR A 162 -18.53 16.55 -26.96
CA TYR A 162 -17.43 17.10 -26.18
C TYR A 162 -17.77 17.46 -24.72
N ASP A 163 -18.94 17.06 -24.26
CA ASP A 163 -19.33 17.32 -22.87
C ASP A 163 -19.33 15.99 -22.13
N ARG A 164 -18.94 14.93 -22.84
CA ARG A 164 -18.88 13.59 -22.29
C ARG A 164 -17.55 13.33 -21.56
N ASN A 165 -17.64 12.76 -20.35
CA ASN A 165 -16.45 12.48 -19.54
C ASN A 165 -15.34 11.73 -20.29
N GLU A 166 -15.69 10.66 -20.99
CA GLU A 166 -14.71 9.88 -21.74
C GLU A 166 -13.85 10.75 -22.64
N ILE A 167 -14.37 11.92 -23.00
CA ILE A 167 -13.60 12.82 -23.86
C ILE A 167 -13.01 13.99 -23.08
N LYS A 168 -13.60 14.30 -21.93
CA LYS A 168 -13.12 15.39 -21.08
C LYS A 168 -12.03 14.94 -20.13
N CYS A 169 -12.22 13.76 -19.54
CA CYS A 169 -11.29 13.25 -18.53
C CYS A 169 -10.39 12.09 -18.95
N ALA A 170 -9.26 11.99 -18.26
CA ALA A 170 -8.31 10.91 -18.48
C ALA A 170 -8.78 9.81 -17.52
N VAL A 171 -9.18 10.23 -16.33
CA VAL A 171 -9.66 9.31 -15.32
C VAL A 171 -11.17 9.48 -15.14
N MET A 172 -11.93 8.48 -15.60
CA MET A 172 -13.38 8.49 -15.48
C MET A 172 -13.92 7.08 -15.31
N GLU A 173 -15.22 6.96 -15.09
CA GLU A 173 -15.80 5.65 -14.85
C GLU A 173 -17.10 5.46 -15.65
N TYR A 174 -17.51 4.21 -15.83
CA TYR A 174 -18.73 3.89 -16.57
C TYR A 174 -19.60 2.89 -15.82
N MET A 175 -20.89 2.92 -16.14
CA MET A 175 -21.85 1.98 -15.59
C MET A 175 -21.89 0.92 -16.68
N ALA A 176 -21.31 -0.23 -16.40
CA ALA A 176 -21.24 -1.31 -17.38
C ALA A 176 -22.58 -1.86 -17.86
N PRO A 177 -22.75 -1.97 -19.19
CA PRO A 177 -23.99 -2.51 -19.75
C PRO A 177 -24.12 -3.99 -19.39
N LYS A 178 -25.26 -4.59 -19.73
CA LYS A 178 -25.50 -5.99 -19.42
C LYS A 178 -24.46 -6.95 -19.99
N GLU A 179 -23.84 -6.59 -21.11
CA GLU A 179 -22.85 -7.47 -21.74
C GLU A 179 -21.42 -7.44 -21.15
N TYR A 180 -21.30 -6.95 -19.92
CA TYR A 180 -20.02 -6.92 -19.24
C TYR A 180 -20.15 -7.73 -17.94
N THR A 181 -21.29 -8.41 -17.81
CA THR A 181 -21.58 -9.24 -16.64
C THR A 181 -22.12 -10.58 -17.13
N LEU A 182 -21.63 -11.67 -16.56
CA LEU A 182 -22.10 -13.00 -16.93
C LEU A 182 -23.22 -13.37 -15.98
N ARG A 183 -23.03 -13.02 -14.70
CA ARG A 183 -24.01 -13.28 -13.67
C ARG A 183 -24.32 -11.95 -12.97
N GLN A 184 -25.38 -11.93 -12.16
CA GLN A 184 -25.78 -10.71 -11.46
C GLN A 184 -24.83 -10.32 -10.35
N PRO A 185 -24.45 -9.03 -10.30
CA PRO A 185 -23.53 -8.51 -9.29
C PRO A 185 -23.75 -9.16 -7.91
N PRO A 186 -22.66 -9.57 -7.25
CA PRO A 186 -22.75 -10.20 -5.94
C PRO A 186 -22.85 -9.25 -4.76
N PRO A 187 -23.34 -9.77 -3.63
CA PRO A 187 -23.51 -9.02 -2.39
C PRO A 187 -22.13 -9.09 -1.74
N ALA A 188 -21.79 -8.11 -0.92
CA ALA A 188 -20.50 -8.17 -0.25
C ALA A 188 -20.68 -9.27 0.79
N THR A 189 -19.78 -10.26 0.77
CA THR A 189 -19.87 -11.38 1.71
C THR A 189 -18.61 -11.50 2.57
N TYR A 190 -18.80 -11.60 3.88
CA TYR A 190 -17.67 -11.74 4.79
C TYR A 190 -17.74 -13.00 5.62
N CYS A 191 -16.62 -13.71 5.70
CA CYS A 191 -16.55 -14.91 6.53
C CYS A 191 -15.38 -14.70 7.47
N PHE A 192 -15.68 -14.55 8.75
CA PHE A 192 -14.62 -14.36 9.72
C PHE A 192 -14.20 -15.70 10.31
N LEU A 193 -12.99 -16.10 9.96
CA LEU A 193 -12.41 -17.36 10.43
C LEU A 193 -11.57 -16.98 11.64
N ILE A 194 -12.15 -17.18 12.81
CA ILE A 194 -11.50 -16.80 14.04
C ILE A 194 -10.88 -17.91 14.89
N ASP A 195 -9.68 -17.62 15.38
CA ASP A 195 -8.93 -18.54 16.21
C ASP A 195 -9.38 -18.54 17.66
N VAL A 196 -10.11 -19.58 18.06
CA VAL A 196 -10.58 -19.67 19.44
C VAL A 196 -9.68 -20.61 20.25
N SER A 197 -8.48 -20.87 19.76
CA SER A 197 -7.57 -21.75 20.48
C SER A 197 -7.15 -21.05 21.75
N GLN A 198 -6.47 -21.77 22.63
CA GLN A 198 -6.03 -21.25 23.91
C GLN A 198 -5.07 -20.05 23.87
N SER A 199 -4.14 -20.03 22.93
CA SER A 199 -3.19 -18.93 22.85
C SER A 199 -3.98 -17.64 22.65
N SER A 200 -5.09 -17.75 21.93
CA SER A 200 -5.94 -16.62 21.61
C SER A 200 -6.76 -16.08 22.78
N ILE A 201 -7.13 -16.96 23.71
CA ILE A 201 -7.89 -16.57 24.90
C ILE A 201 -7.00 -15.76 25.84
N LYS A 202 -5.85 -16.35 26.16
CA LYS A 202 -4.91 -15.71 27.08
C LYS A 202 -4.33 -14.40 26.59
N SER A 203 -4.11 -14.28 25.29
CA SER A 203 -3.57 -13.03 24.74
C SER A 203 -4.68 -12.01 24.68
N GLY A 204 -5.92 -12.49 24.61
CA GLY A 204 -7.05 -11.60 24.54
C GLY A 204 -7.40 -11.23 23.11
N LEU A 205 -6.73 -11.87 22.16
CA LEU A 205 -6.99 -11.60 20.76
C LEU A 205 -8.44 -11.85 20.44
N LEU A 206 -9.00 -12.92 20.99
CA LEU A 206 -10.39 -13.26 20.76
C LEU A 206 -11.31 -12.13 21.26
N ALA A 207 -11.13 -11.77 22.52
CA ALA A 207 -11.92 -10.71 23.13
C ALA A 207 -11.85 -9.47 22.25
N THR A 208 -10.63 -8.98 22.06
CA THR A 208 -10.39 -7.79 21.26
C THR A 208 -11.05 -7.86 19.90
N THR A 209 -10.99 -9.04 19.29
CA THR A 209 -11.55 -9.26 17.96
C THR A 209 -13.07 -9.19 18.02
N ILE A 210 -13.64 -9.91 18.98
CA ILE A 210 -15.08 -9.91 19.14
C ILE A 210 -15.56 -8.48 19.42
N ASN A 211 -15.04 -7.89 20.50
CA ASN A 211 -15.40 -6.54 20.89
C ASN A 211 -15.35 -5.59 19.68
N THR A 212 -14.30 -5.69 18.88
CA THR A 212 -14.18 -4.81 17.72
C THR A 212 -15.31 -5.04 16.70
N LEU A 213 -15.60 -6.29 16.40
CA LEU A 213 -16.68 -6.57 15.45
C LEU A 213 -17.93 -5.93 16.03
N LEU A 214 -18.11 -6.13 17.32
CA LEU A 214 -19.25 -5.62 18.06
C LEU A 214 -19.37 -4.12 17.92
N GLN A 215 -18.24 -3.45 17.99
CA GLN A 215 -18.20 -1.99 17.91
C GLN A 215 -18.21 -1.43 16.50
N ASN A 216 -18.30 -2.30 15.49
CA ASN A 216 -18.26 -1.82 14.12
C ASN A 216 -19.14 -2.59 13.14
N LEU A 217 -20.14 -3.30 13.66
CA LEU A 217 -21.05 -4.04 12.80
C LEU A 217 -21.78 -3.06 11.86
N ASP A 218 -21.78 -1.77 12.20
CA ASP A 218 -22.43 -0.79 11.34
C ASP A 218 -21.41 -0.04 10.48
N SER A 219 -20.13 -0.37 10.67
CA SER A 219 -19.05 0.23 9.93
C SER A 219 -18.78 -0.60 8.68
N ILE A 220 -19.23 -1.85 8.70
CA ILE A 220 -19.06 -2.71 7.55
C ILE A 220 -19.94 -2.20 6.40
N PRO A 221 -19.37 -2.09 5.20
CA PRO A 221 -20.11 -1.62 4.02
C PRO A 221 -21.39 -2.42 3.77
N ASN A 222 -22.50 -1.72 3.59
CA ASN A 222 -23.78 -2.36 3.31
C ASN A 222 -24.58 -1.38 2.46
N HIS A 223 -23.93 -0.82 1.44
CA HIS A 223 -24.56 0.16 0.56
C HIS A 223 -25.85 -0.32 -0.15
N ASP A 224 -26.06 -1.64 -0.20
CA ASP A 224 -27.25 -2.18 -0.86
C ASP A 224 -28.10 -3.04 0.08
N GLU A 225 -27.82 -2.96 1.38
CA GLU A 225 -28.56 -3.72 2.37
C GLU A 225 -28.43 -5.23 2.17
N ARG A 226 -27.53 -5.64 1.28
CA ARG A 226 -27.35 -7.06 0.99
C ARG A 226 -26.16 -7.75 1.64
N THR A 227 -25.23 -6.98 2.18
CA THR A 227 -24.06 -7.55 2.83
C THR A 227 -24.39 -8.78 3.65
N ARG A 228 -23.64 -9.86 3.45
CA ARG A 228 -23.85 -11.09 4.20
C ARG A 228 -22.60 -11.45 4.99
N ILE A 229 -22.82 -11.92 6.21
CA ILE A 229 -21.73 -12.26 7.12
C ILE A 229 -21.77 -13.71 7.58
N SER A 230 -20.60 -14.23 7.96
CA SER A 230 -20.47 -15.59 8.43
C SER A 230 -19.42 -15.64 9.52
N ILE A 231 -19.53 -16.60 10.43
CA ILE A 231 -18.56 -16.73 11.52
C ILE A 231 -18.07 -18.13 11.84
N LEU A 232 -16.75 -18.32 11.74
CA LEU A 232 -16.15 -19.62 12.04
C LEU A 232 -15.16 -19.49 13.17
N CYS A 233 -15.40 -20.22 14.25
CA CYS A 233 -14.49 -20.24 15.39
C CYS A 233 -13.71 -21.52 15.18
N VAL A 234 -12.41 -21.46 15.41
CA VAL A 234 -11.55 -22.61 15.16
C VAL A 234 -10.48 -22.90 16.20
N ASP A 235 -10.42 -24.18 16.60
CA ASP A 235 -9.39 -24.70 17.50
C ASP A 235 -8.98 -26.03 16.84
N ASN A 236 -9.31 -27.15 17.46
CA ASN A 236 -8.98 -28.43 16.86
C ASN A 236 -10.16 -28.87 16.00
N ALA A 237 -11.26 -28.12 16.11
CA ALA A 237 -12.47 -28.40 15.33
C ALA A 237 -12.98 -27.08 14.78
N ILE A 238 -13.83 -27.14 13.77
CA ILE A 238 -14.38 -25.94 13.16
C ILE A 238 -15.82 -25.73 13.64
N HIS A 239 -15.99 -24.69 14.43
CA HIS A 239 -17.28 -24.38 15.02
C HIS A 239 -18.12 -23.40 14.21
N TYR A 240 -19.26 -23.89 13.72
CA TYR A 240 -20.18 -23.07 12.94
C TYR A 240 -21.29 -22.52 13.84
N PHE A 241 -22.15 -21.69 13.25
CA PHE A 241 -23.27 -21.10 13.98
C PHE A 241 -24.42 -20.80 13.01
N LYS A 242 -25.62 -21.22 13.38
CA LYS A 242 -26.79 -20.96 12.55
C LYS A 242 -27.44 -19.69 13.10
N ILE A 243 -27.77 -18.77 12.20
CA ILE A 243 -28.37 -17.52 12.63
C ILE A 243 -29.72 -17.26 12.01
N PRO A 244 -30.76 -17.21 12.86
CA PRO A 244 -32.15 -16.97 12.43
C PRO A 244 -32.36 -15.50 12.11
N LEU A 245 -33.41 -15.21 11.36
CA LEU A 245 -33.71 -13.82 11.03
C LEU A 245 -34.16 -13.23 12.35
N ASP A 246 -33.76 -11.99 12.63
CA ASP A 246 -34.18 -11.37 13.88
C ASP A 246 -35.70 -11.50 13.99
N SER A 247 -36.39 -11.27 12.88
CA SER A 247 -37.85 -11.30 12.84
C SER A 247 -38.53 -12.57 13.35
N GLU A 248 -37.87 -13.71 13.28
CA GLU A 248 -38.55 -14.92 13.72
C GLU A 248 -38.28 -15.39 15.15
N ASN A 249 -38.18 -14.45 16.09
CA ASN A 249 -37.94 -14.80 17.50
C ASN A 249 -39.21 -14.79 18.36
N ILE A 257 -28.78 -20.03 21.01
CA ILE A 257 -27.76 -20.10 19.98
C ILE A 257 -27.51 -21.53 19.48
N ASN A 258 -27.17 -21.63 18.21
CA ASN A 258 -26.91 -22.94 17.60
C ASN A 258 -25.48 -23.11 17.12
N MET A 259 -24.67 -23.77 17.92
CA MET A 259 -23.29 -24.03 17.54
C MET A 259 -23.22 -25.44 16.98
N MET A 260 -22.58 -25.58 15.84
CA MET A 260 -22.44 -26.85 15.16
C MET A 260 -20.96 -27.20 15.04
N ASP A 261 -20.50 -28.13 15.87
CA ASP A 261 -19.11 -28.54 15.86
C ASP A 261 -18.84 -29.62 14.83
N ILE A 262 -17.62 -29.65 14.30
CA ILE A 262 -17.22 -30.65 13.32
C ILE A 262 -15.75 -31.00 13.53
N ALA A 263 -15.50 -32.17 14.11
CA ALA A 263 -14.15 -32.65 14.37
C ALA A 263 -13.58 -33.42 13.19
N ASP A 264 -14.45 -33.86 12.29
CA ASP A 264 -14.02 -34.60 11.11
C ASP A 264 -13.34 -33.63 10.14
N LEU A 265 -12.03 -33.46 10.33
CA LEU A 265 -11.25 -32.54 9.51
C LEU A 265 -11.06 -32.98 8.07
N GLU A 266 -11.60 -34.15 7.72
CA GLU A 266 -11.50 -34.63 6.35
C GLU A 266 -12.83 -34.36 5.66
N GLU A 267 -13.66 -33.53 6.28
CA GLU A 267 -14.96 -33.16 5.75
C GLU A 267 -14.96 -31.74 5.18
N PRO A 273 -25.36 -24.21 4.77
CA PRO A 273 -25.20 -22.95 4.02
C PRO A 273 -26.24 -21.90 4.45
N ASN A 274 -27.51 -22.20 4.20
CA ASN A 274 -28.60 -21.30 4.59
C ASN A 274 -28.50 -21.16 6.09
N SER A 275 -28.49 -19.93 6.56
CA SER A 275 -28.41 -19.65 8.00
C SER A 275 -26.99 -19.73 8.55
N MET A 276 -26.02 -19.87 7.65
CA MET A 276 -24.61 -19.93 8.02
C MET A 276 -24.01 -18.60 7.57
N VAL A 277 -24.38 -18.22 6.35
CA VAL A 277 -23.94 -16.96 5.77
C VAL A 277 -25.23 -16.15 5.74
N VAL A 278 -25.38 -15.25 6.70
CA VAL A 278 -26.60 -14.49 6.82
C VAL A 278 -26.57 -12.99 6.49
N SER A 279 -27.77 -12.42 6.42
CA SER A 279 -27.95 -10.99 6.13
C SER A 279 -27.62 -10.21 7.39
N LEU A 280 -26.66 -9.29 7.27
CA LEU A 280 -26.24 -8.45 8.40
C LEU A 280 -27.42 -7.61 8.92
N LYS A 281 -28.26 -7.15 8.00
CA LYS A 281 -29.41 -6.35 8.39
C LYS A 281 -30.55 -7.21 8.96
N ALA A 282 -30.92 -8.26 8.25
CA ALA A 282 -32.01 -9.12 8.69
C ALA A 282 -31.72 -9.94 9.95
N CYS A 283 -30.47 -10.01 10.38
CA CYS A 283 -30.14 -10.79 11.58
C CYS A 283 -29.24 -10.01 12.53
N ARG A 284 -29.27 -8.69 12.41
CA ARG A 284 -28.43 -7.83 13.26
C ARG A 284 -28.38 -8.20 14.74
N GLN A 285 -29.53 -8.20 15.40
CA GLN A 285 -29.56 -8.50 16.82
C GLN A 285 -28.97 -9.89 17.12
N ASN A 286 -29.32 -10.86 16.29
CA ASN A 286 -28.84 -12.22 16.49
C ASN A 286 -27.34 -12.32 16.32
N ILE A 287 -26.81 -11.65 15.31
CA ILE A 287 -25.37 -11.67 15.07
C ILE A 287 -24.67 -11.09 16.28
N GLU A 288 -25.30 -10.07 16.87
CA GLU A 288 -24.78 -9.36 18.05
C GLU A 288 -24.85 -10.28 19.25
N THR A 289 -25.96 -10.98 19.38
CA THR A 289 -26.20 -11.88 20.49
C THR A 289 -25.15 -13.00 20.50
N LEU A 290 -24.89 -13.53 19.32
CA LEU A 290 -23.90 -14.58 19.14
C LEU A 290 -22.52 -14.07 19.51
N LEU A 291 -22.09 -13.00 18.85
CA LEU A 291 -20.79 -12.42 19.12
C LEU A 291 -20.53 -12.21 20.61
N THR A 292 -21.59 -11.90 21.36
CA THR A 292 -21.46 -11.65 22.79
C THR A 292 -21.25 -12.93 23.60
N LYS A 293 -21.81 -14.03 23.11
CA LYS A 293 -21.66 -15.32 23.78
C LYS A 293 -20.32 -16.00 23.53
N ILE A 294 -19.89 -16.03 22.26
CA ILE A 294 -18.63 -16.66 21.88
C ILE A 294 -17.54 -16.64 22.95
N PRO A 295 -17.10 -15.45 23.37
CA PRO A 295 -16.06 -15.35 24.40
C PRO A 295 -16.28 -16.23 25.64
N GLN A 296 -17.54 -16.41 26.03
CA GLN A 296 -17.88 -17.22 27.19
C GLN A 296 -17.66 -18.69 26.89
N ILE A 297 -18.01 -19.08 25.67
CA ILE A 297 -17.89 -20.46 25.22
C ILE A 297 -16.49 -21.06 25.32
N PHE A 298 -15.53 -20.45 24.62
CA PHE A 298 -14.16 -20.97 24.64
C PHE A 298 -13.34 -20.33 25.76
N GLN A 299 -14.03 -19.79 26.75
CA GLN A 299 -13.40 -19.14 27.90
C GLN A 299 -12.38 -20.01 28.62
N SER A 300 -12.73 -21.26 28.87
CA SER A 300 -11.81 -22.17 29.57
C SER A 300 -11.18 -23.15 28.59
N ASN A 301 -11.16 -22.79 27.30
CA ASN A 301 -10.58 -23.67 26.29
C ASN A 301 -9.12 -23.95 26.64
N LEU A 302 -8.74 -25.22 26.62
CA LEU A 302 -7.39 -25.65 26.94
C LEU A 302 -6.72 -26.24 25.71
N ILE A 303 -7.46 -26.30 24.62
CA ILE A 303 -6.96 -26.84 23.35
C ILE A 303 -5.98 -25.84 22.74
N THR A 304 -4.86 -26.34 22.23
CA THR A 304 -3.86 -25.47 21.62
C THR A 304 -3.79 -25.70 20.13
N ASN A 305 -4.84 -26.28 19.58
CA ASN A 305 -4.88 -26.57 18.15
C ASN A 305 -5.61 -25.52 17.32
N PHE A 306 -5.19 -25.38 16.07
CA PHE A 306 -5.77 -24.43 15.15
C PHE A 306 -5.69 -24.99 13.73
N ALA A 307 -6.74 -25.67 13.31
CA ALA A 307 -6.80 -26.28 12.00
C ALA A 307 -7.11 -25.30 10.87
N LEU A 308 -6.20 -24.38 10.62
CA LEU A 308 -6.39 -23.38 9.58
C LEU A 308 -6.80 -24.00 8.25
N GLY A 309 -5.99 -24.94 7.76
CA GLY A 309 -6.28 -25.59 6.50
C GLY A 309 -7.72 -26.06 6.38
N PRO A 310 -8.17 -26.95 7.26
CA PRO A 310 -9.54 -27.45 7.21
C PRO A 310 -10.57 -26.31 7.33
N ALA A 311 -10.29 -25.36 8.20
CA ALA A 311 -11.18 -24.21 8.40
C ALA A 311 -11.30 -23.46 7.08
N LEU A 312 -10.16 -23.17 6.45
CA LEU A 312 -10.13 -22.48 5.17
C LEU A 312 -11.02 -23.19 4.14
N LYS A 313 -10.90 -24.50 4.04
CA LYS A 313 -11.73 -25.25 3.10
C LYS A 313 -13.21 -25.18 3.47
N SER A 314 -13.48 -25.14 4.78
CA SER A 314 -14.83 -25.04 5.30
C SER A 314 -15.43 -23.71 4.89
N ALA A 315 -14.64 -22.65 5.11
CA ALA A 315 -15.05 -21.31 4.76
C ALA A 315 -15.23 -21.26 3.25
N TYR A 316 -14.29 -21.90 2.56
CA TYR A 316 -14.31 -21.96 1.12
C TYR A 316 -15.67 -22.44 0.62
N HIS A 317 -16.07 -23.62 1.05
CA HIS A 317 -17.34 -24.21 0.63
C HIS A 317 -18.53 -23.36 1.12
N LEU A 318 -18.31 -22.60 2.18
CA LEU A 318 -19.34 -21.76 2.74
C LEU A 318 -19.71 -20.60 1.81
N ILE A 319 -18.72 -20.04 1.10
CA ILE A 319 -19.00 -18.90 0.21
C ILE A 319 -18.60 -19.07 -1.26
N GLY A 320 -18.04 -20.22 -1.60
CA GLY A 320 -17.61 -20.46 -2.98
C GLY A 320 -18.69 -20.22 -4.02
N GLY A 321 -19.94 -20.28 -3.58
CA GLY A 321 -21.06 -20.08 -4.49
C GLY A 321 -21.06 -18.71 -5.16
N VAL A 322 -20.83 -17.66 -4.39
CA VAL A 322 -20.84 -16.30 -4.93
C VAL A 322 -19.47 -15.62 -4.85
N GLY A 323 -18.67 -16.01 -3.86
CA GLY A 323 -17.36 -15.40 -3.69
C GLY A 323 -17.38 -14.38 -2.57
N GLY A 324 -16.21 -13.98 -2.10
CA GLY A 324 -16.19 -13.02 -1.02
C GLY A 324 -14.86 -12.99 -0.31
N LYS A 325 -14.87 -12.49 0.92
CA LYS A 325 -13.66 -12.40 1.71
C LYS A 325 -13.67 -13.34 2.89
N ILE A 326 -12.58 -14.09 3.05
CA ILE A 326 -12.44 -14.94 4.21
C ILE A 326 -11.44 -14.10 4.99
N ILE A 327 -11.83 -13.64 6.17
CA ILE A 327 -10.93 -12.83 6.99
C ILE A 327 -10.50 -13.69 8.16
N VAL A 328 -9.21 -13.98 8.23
CA VAL A 328 -8.69 -14.81 9.30
C VAL A 328 -8.00 -14.02 10.38
N VAL A 329 -8.30 -14.37 11.64
CA VAL A 329 -7.66 -13.72 12.77
C VAL A 329 -7.04 -14.84 13.60
N SER A 330 -5.76 -14.73 13.89
CA SER A 330 -5.10 -15.77 14.67
C SER A 330 -3.82 -15.38 15.35
N GLY A 331 -3.52 -16.13 16.41
CA GLY A 331 -2.32 -15.91 17.17
C GLY A 331 -1.73 -17.28 17.51
N THR A 332 -1.99 -18.25 16.63
CA THR A 332 -1.51 -19.63 16.81
C THR A 332 -1.13 -20.27 15.47
N LEU A 333 0.14 -20.63 15.33
CA LEU A 333 0.64 -21.26 14.11
C LEU A 333 -0.14 -22.50 13.71
N PRO A 334 -0.57 -22.60 12.45
CA PRO A 334 -1.32 -23.80 12.06
C PRO A 334 -0.58 -25.05 12.55
N ASN A 335 -1.30 -25.92 13.28
CA ASN A 335 -0.72 -27.14 13.84
C ASN A 335 -1.59 -28.39 13.77
N LEU A 336 -2.62 -28.40 12.93
CA LEU A 336 -3.46 -29.59 12.82
C LEU A 336 -4.19 -29.59 11.49
N GLY A 337 -4.31 -30.77 10.90
CA GLY A 337 -4.98 -30.89 9.63
C GLY A 337 -4.06 -30.52 8.48
N ILE A 338 -4.60 -30.55 7.27
CA ILE A 338 -3.83 -30.20 6.09
C ILE A 338 -3.41 -28.76 6.27
N GLY A 339 -2.24 -28.42 5.73
CA GLY A 339 -1.74 -27.07 5.82
C GLY A 339 -0.92 -26.75 7.06
N LYS A 340 -0.81 -27.68 8.00
CA LYS A 340 -0.03 -27.39 9.20
C LYS A 340 1.41 -27.03 8.87
N LEU A 341 2.03 -26.19 9.70
CA LEU A 341 3.40 -25.72 9.49
C LEU A 341 4.32 -25.99 10.68
N GLN A 342 5.62 -25.84 10.47
CA GLN A 342 6.62 -26.05 11.53
C GLN A 342 7.64 -24.93 11.60
N ARG A 343 8.39 -24.87 12.69
CA ARG A 343 9.42 -23.85 12.89
C ARG A 343 10.52 -23.96 11.82
N ASP A 364 4.90 -24.03 3.32
CA ASP A 364 4.16 -25.13 2.71
C ASP A 364 3.74 -24.76 1.27
N SER A 365 2.83 -25.55 0.71
CA SER A 365 2.34 -25.33 -0.65
C SER A 365 0.85 -25.64 -0.81
N PHE A 366 0.21 -26.09 0.28
CA PHE A 366 -1.23 -26.38 0.27
C PHE A 366 -1.96 -25.05 0.06
N TYR A 367 -1.37 -24.00 0.61
CA TYR A 367 -1.94 -22.67 0.51
C TYR A 367 -1.88 -22.19 -0.93
N LYS A 368 -0.73 -22.40 -1.57
CA LYS A 368 -0.57 -21.97 -2.94
C LYS A 368 -1.60 -22.62 -3.85
N ASN A 369 -2.09 -23.80 -3.46
CA ASN A 369 -3.11 -24.47 -4.26
C ASN A 369 -4.47 -23.91 -3.89
N PHE A 370 -4.59 -23.47 -2.64
CA PHE A 370 -5.83 -22.91 -2.15
C PHE A 370 -6.11 -21.63 -2.94
N THR A 371 -5.08 -20.82 -3.13
CA THR A 371 -5.21 -19.57 -3.87
C THR A 371 -5.63 -19.81 -5.32
N ILE A 372 -5.19 -20.91 -5.90
CA ILE A 372 -5.55 -21.22 -7.28
C ILE A 372 -7.04 -21.54 -7.32
N ASP A 373 -7.50 -22.29 -6.32
CA ASP A 373 -8.92 -22.64 -6.26
C ASP A 373 -9.73 -21.37 -6.08
N CYS A 374 -9.28 -20.50 -5.18
CA CYS A 374 -9.96 -19.23 -4.91
C CYS A 374 -10.16 -18.41 -6.17
N SER A 375 -9.15 -18.37 -7.03
CA SER A 375 -9.25 -17.60 -8.27
C SER A 375 -10.42 -18.13 -9.10
N LYS A 376 -10.79 -19.38 -8.87
CA LYS A 376 -11.91 -19.98 -9.61
C LYS A 376 -13.26 -19.51 -9.10
N VAL A 377 -13.35 -19.25 -7.80
CA VAL A 377 -14.60 -18.82 -7.18
C VAL A 377 -14.60 -17.42 -6.55
N GLN A 378 -13.80 -16.53 -7.13
CA GLN A 378 -13.72 -15.14 -6.67
C GLN A 378 -13.65 -14.95 -5.15
N ILE A 379 -12.72 -15.62 -4.50
CA ILE A 379 -12.57 -15.46 -3.06
C ILE A 379 -11.24 -14.80 -2.70
N THR A 380 -11.29 -13.90 -1.71
CA THR A 380 -10.11 -13.20 -1.24
C THR A 380 -9.91 -13.56 0.23
N VAL A 381 -8.64 -13.69 0.62
CA VAL A 381 -8.29 -14.05 1.98
C VAL A 381 -7.49 -12.94 2.64
N ASP A 382 -7.94 -12.53 3.83
CA ASP A 382 -7.23 -11.52 4.61
C ASP A 382 -6.73 -12.20 5.88
N LEU A 383 -5.54 -11.80 6.33
CA LEU A 383 -4.96 -12.39 7.52
C LEU A 383 -4.47 -11.44 8.60
N PHE A 384 -4.98 -11.63 9.81
CA PHE A 384 -4.55 -10.83 10.93
C PHE A 384 -3.83 -11.80 11.89
N LEU A 385 -2.50 -11.74 11.87
CA LEU A 385 -1.66 -12.60 12.68
C LEU A 385 -1.14 -11.80 13.87
N ALA A 386 -1.51 -12.27 15.06
CA ALA A 386 -1.13 -11.57 16.30
C ALA A 386 -0.66 -12.47 17.44
N SER A 387 0.64 -12.46 17.71
CA SER A 387 1.17 -13.27 18.80
C SER A 387 2.66 -13.08 19.06
N GLU A 388 3.11 -13.56 20.20
CA GLU A 388 4.52 -13.46 20.61
C GLU A 388 5.27 -14.66 20.04
N ASP A 389 4.51 -15.65 19.58
CA ASP A 389 5.11 -16.85 19.03
C ASP A 389 5.28 -16.74 17.52
N TYR A 390 6.07 -17.65 16.94
CA TYR A 390 6.32 -17.69 15.50
C TYR A 390 5.03 -17.93 14.72
N MET A 391 4.80 -17.15 13.67
CA MET A 391 3.57 -17.30 12.90
C MET A 391 3.80 -17.63 11.43
N ASP A 392 5.07 -17.67 11.01
CA ASP A 392 5.43 -17.95 9.62
C ASP A 392 4.67 -17.09 8.62
N VAL A 393 4.82 -15.79 8.76
CA VAL A 393 4.17 -14.84 7.87
C VAL A 393 4.65 -15.09 6.43
N ALA A 394 5.94 -15.42 6.29
CA ALA A 394 6.54 -15.68 4.98
C ALA A 394 5.72 -16.66 4.19
N SER A 395 5.05 -17.55 4.91
CA SER A 395 4.28 -18.56 4.25
C SER A 395 2.77 -18.27 4.17
N LEU A 396 2.18 -17.77 5.26
CA LEU A 396 0.75 -17.47 5.22
C LEU A 396 0.42 -16.26 4.33
N SER A 397 1.36 -15.32 4.23
CA SER A 397 1.16 -14.13 3.42
C SER A 397 0.88 -14.46 1.95
N ASN A 398 1.16 -15.69 1.55
CA ASN A 398 0.92 -16.08 0.18
C ASN A 398 -0.57 -16.23 -0.08
N LEU A 399 -1.33 -16.49 0.98
CA LEU A 399 -2.79 -16.62 0.86
C LEU A 399 -3.39 -15.30 0.41
N SER A 400 -3.03 -14.25 1.14
CA SER A 400 -3.53 -12.93 0.81
C SER A 400 -2.90 -12.51 -0.51
N ARG A 401 -1.57 -12.55 -0.55
CA ARG A 401 -0.84 -12.16 -1.74
C ARG A 401 -1.46 -12.57 -3.07
N PHE A 402 -1.80 -13.84 -3.23
CA PHE A 402 -2.36 -14.25 -4.52
C PHE A 402 -3.87 -14.24 -4.67
N THR A 403 -4.56 -13.67 -3.70
CA THR A 403 -6.02 -13.55 -3.78
C THR A 403 -6.45 -12.06 -3.76
N ALA A 404 -5.47 -11.17 -3.78
CA ALA A 404 -5.69 -9.71 -3.76
C ALA A 404 -5.95 -9.16 -2.35
N GLY A 405 -5.81 -10.01 -1.35
CA GLY A 405 -6.05 -9.60 0.02
C GLY A 405 -4.81 -8.98 0.64
N GLN A 406 -4.76 -9.00 1.96
CA GLN A 406 -3.62 -8.45 2.67
C GLN A 406 -3.34 -9.22 3.96
N THR A 407 -2.12 -9.08 4.45
CA THR A 407 -1.72 -9.72 5.69
C THR A 407 -1.22 -8.64 6.61
N HIS A 408 -1.61 -8.75 7.88
CA HIS A 408 -1.21 -7.79 8.89
C HIS A 408 -0.66 -8.61 10.05
N PHE A 409 0.53 -8.23 10.48
CA PHE A 409 1.23 -8.93 11.54
C PHE A 409 1.43 -8.05 12.76
N TYR A 410 1.10 -8.59 13.93
CA TYR A 410 1.21 -7.85 15.18
C TYR A 410 2.18 -8.53 16.14
N PRO A 411 3.49 -8.33 15.91
CA PRO A 411 4.55 -8.92 16.74
C PRO A 411 4.34 -8.59 18.21
N GLY A 412 4.49 -9.60 19.07
CA GLY A 412 4.34 -9.38 20.50
C GLY A 412 2.98 -9.00 21.07
N PHE A 413 1.92 -9.18 20.28
CA PHE A 413 0.58 -8.84 20.74
C PHE A 413 0.27 -9.48 22.10
N SER A 414 -0.31 -8.70 23.00
CA SER A 414 -0.67 -9.19 24.33
C SER A 414 -1.64 -8.22 25.01
N GLY A 415 -2.86 -8.68 25.25
CA GLY A 415 -3.87 -7.86 25.88
C GLY A 415 -3.44 -7.18 27.18
N LYS A 416 -2.34 -7.64 27.75
CA LYS A 416 -1.86 -7.07 29.00
C LYS A 416 -1.32 -5.65 28.80
N ASN A 417 -1.08 -5.29 27.54
CA ASN A 417 -0.58 -3.97 27.20
C ASN A 417 -1.71 -3.19 26.54
N PRO A 418 -2.45 -2.37 27.33
CA PRO A 418 -3.56 -1.58 26.83
C PRO A 418 -3.29 -0.90 25.49
N ASN A 419 -2.02 -0.76 25.12
CA ASN A 419 -1.69 -0.13 23.85
C ASN A 419 -1.66 -1.10 22.68
N ASP A 420 -1.51 -2.38 22.98
CA ASP A 420 -1.50 -3.39 21.92
C ASP A 420 -2.89 -3.42 21.32
N ILE A 421 -3.87 -3.62 22.20
CA ILE A 421 -5.28 -3.66 21.82
C ILE A 421 -5.60 -2.49 20.90
N VAL A 422 -5.21 -1.30 21.30
CA VAL A 422 -5.51 -0.11 20.51
C VAL A 422 -5.11 -0.24 19.05
N LYS A 423 -3.89 -0.69 18.80
CA LYS A 423 -3.40 -0.83 17.43
C LYS A 423 -4.18 -1.87 16.63
N PHE A 424 -4.28 -3.08 17.16
CA PHE A 424 -4.98 -4.15 16.47
C PHE A 424 -6.44 -3.79 16.18
N SER A 425 -7.14 -3.33 17.21
CA SER A 425 -8.55 -2.96 17.14
C SER A 425 -8.83 -1.86 16.10
N THR A 426 -8.01 -0.81 16.12
CA THR A 426 -8.18 0.30 15.19
C THR A 426 -8.02 -0.18 13.75
N GLU A 427 -6.90 -0.85 13.50
CA GLU A 427 -6.61 -1.36 12.17
C GLU A 427 -7.67 -2.36 11.70
N PHE A 428 -8.06 -3.28 12.58
CA PHE A 428 -9.07 -4.25 12.21
C PHE A 428 -10.39 -3.55 11.81
N ALA A 429 -10.82 -2.60 12.65
CA ALA A 429 -12.05 -1.86 12.38
C ALA A 429 -11.95 -1.12 11.05
N LYS A 430 -10.88 -0.35 10.86
CA LYS A 430 -10.76 0.36 9.60
C LYS A 430 -10.75 -0.66 8.47
N HIS A 431 -10.12 -1.81 8.69
CA HIS A 431 -10.08 -2.80 7.63
C HIS A 431 -11.46 -3.29 7.21
N ILE A 432 -12.32 -3.63 8.16
CA ILE A 432 -13.64 -4.14 7.79
C ILE A 432 -14.61 -3.04 7.34
N SER A 433 -14.20 -1.78 7.49
CA SER A 433 -15.03 -0.66 7.07
C SER A 433 -14.66 -0.30 5.64
N MET A 434 -13.55 -0.82 5.17
CA MET A 434 -13.06 -0.53 3.84
C MET A 434 -13.95 -1.05 2.71
N ASP A 435 -14.22 -0.17 1.75
CA ASP A 435 -15.01 -0.51 0.57
C ASP A 435 -14.16 -1.40 -0.32
N PHE A 436 -14.78 -2.28 -1.10
CA PHE A 436 -14.03 -3.11 -2.04
C PHE A 436 -14.90 -3.59 -3.20
N CYS A 437 -14.26 -4.06 -4.26
CA CYS A 437 -14.97 -4.57 -5.43
C CYS A 437 -14.89 -6.10 -5.38
N MET A 438 -15.54 -6.74 -6.34
CA MET A 438 -15.56 -8.19 -6.44
C MET A 438 -15.55 -8.53 -7.93
N GLU A 439 -15.10 -9.74 -8.26
CA GLU A 439 -15.03 -10.17 -9.66
C GLU A 439 -14.36 -9.11 -10.50
N THR A 440 -13.27 -8.54 -10.01
CA THR A 440 -12.58 -7.50 -10.74
C THR A 440 -11.38 -8.01 -11.50
N VAL A 441 -11.10 -7.38 -12.62
CA VAL A 441 -9.94 -7.74 -13.41
C VAL A 441 -9.38 -6.41 -13.93
N MET A 442 -8.07 -6.27 -13.89
CA MET A 442 -7.42 -5.06 -14.35
C MET A 442 -6.39 -5.38 -15.44
N ARG A 443 -6.39 -4.55 -16.47
CA ARG A 443 -5.50 -4.69 -17.61
C ARG A 443 -5.05 -3.31 -18.06
N ALA A 444 -3.79 -3.23 -18.50
CA ALA A 444 -3.21 -2.00 -18.97
C ALA A 444 -2.89 -2.22 -20.44
N ARG A 445 -3.46 -1.38 -21.30
CA ARG A 445 -3.20 -1.48 -22.73
C ARG A 445 -2.20 -0.40 -23.10
N GLY A 446 -1.33 -0.68 -24.06
CA GLY A 446 -0.36 0.31 -24.47
C GLY A 446 -0.48 0.61 -25.95
N SER A 447 -0.14 1.85 -26.34
CA SER A 447 -0.21 2.23 -27.74
C SER A 447 0.81 1.37 -28.49
N THR A 448 0.72 1.39 -29.81
CA THR A 448 1.61 0.61 -30.66
C THR A 448 3.07 0.70 -30.22
N GLY A 449 3.69 -0.46 -30.03
CA GLY A 449 5.09 -0.48 -29.63
C GLY A 449 5.32 -0.76 -28.16
N LEU A 450 4.36 -0.38 -27.32
CA LEU A 450 4.46 -0.58 -25.87
C LEU A 450 3.81 -1.90 -25.47
N ARG A 451 4.45 -2.62 -24.57
CA ARG A 451 3.92 -3.90 -24.10
C ARG A 451 4.07 -4.03 -22.59
N MET A 452 3.03 -4.54 -21.93
CA MET A 452 3.09 -4.75 -20.50
C MET A 452 3.72 -6.12 -20.32
N SER A 453 4.83 -6.18 -19.60
CA SER A 453 5.49 -7.48 -19.43
C SER A 453 5.39 -8.12 -18.05
N ARG A 454 5.59 -7.35 -17.00
CA ARG A 454 5.50 -7.91 -15.66
C ARG A 454 4.46 -7.19 -14.83
N PHE A 455 3.90 -7.90 -13.86
CA PHE A 455 2.87 -7.34 -13.01
C PHE A 455 3.17 -7.63 -11.55
N TYR A 456 3.22 -6.58 -10.74
CA TYR A 456 3.51 -6.73 -9.31
C TYR A 456 2.42 -6.20 -8.38
N GLY A 457 2.32 -6.82 -7.21
CA GLY A 457 1.32 -6.43 -6.24
C GLY A 457 0.42 -7.60 -5.95
N HIS A 458 -0.44 -7.50 -4.95
CA HIS A 458 -1.33 -8.61 -4.64
C HIS A 458 -2.49 -8.74 -5.60
N PHE A 459 -2.57 -9.92 -6.21
CA PHE A 459 -3.59 -10.26 -7.16
C PHE A 459 -3.17 -11.55 -7.82
N PHE A 460 -4.06 -12.11 -8.63
CA PHE A 460 -3.77 -13.35 -9.32
C PHE A 460 -3.43 -13.06 -10.77
N ASN A 461 -2.29 -13.58 -11.21
CA ASN A 461 -1.85 -13.39 -12.58
C ASN A 461 -0.91 -14.53 -12.95
N ARG A 462 -1.33 -15.33 -13.93
CA ARG A 462 -0.53 -16.48 -14.35
C ARG A 462 0.26 -16.30 -15.63
N SER A 463 -0.43 -16.36 -16.76
CA SER A 463 0.24 -16.22 -18.04
C SER A 463 -0.54 -15.29 -18.94
N SER A 464 -0.87 -14.12 -18.43
CA SER A 464 -1.64 -13.15 -19.21
C SER A 464 -1.21 -11.74 -18.91
N ASP A 465 -1.87 -10.79 -19.54
CA ASP A 465 -1.58 -9.39 -19.31
C ASP A 465 -2.77 -8.94 -18.47
N LEU A 466 -3.49 -9.92 -17.94
CA LEU A 466 -4.67 -9.65 -17.14
C LEU A 466 -4.51 -10.05 -15.68
N CYS A 467 -4.75 -9.10 -14.77
CA CYS A 467 -4.66 -9.35 -13.34
C CYS A 467 -6.06 -9.50 -12.74
N ALA A 468 -6.27 -10.58 -12.00
CA ALA A 468 -7.58 -10.82 -11.39
C ALA A 468 -7.64 -10.53 -9.91
N PHE A 469 -8.64 -9.75 -9.53
CA PHE A 469 -8.86 -9.38 -8.15
C PHE A 469 -10.20 -9.99 -7.74
N SER A 470 -10.18 -11.01 -6.89
CA SER A 470 -11.43 -11.61 -6.44
C SER A 470 -12.23 -10.50 -5.78
N THR A 471 -11.49 -9.59 -5.15
CA THR A 471 -12.03 -8.40 -4.51
C THR A 471 -10.86 -7.45 -4.64
N MET A 472 -11.13 -6.19 -4.96
CA MET A 472 -10.04 -5.23 -5.08
C MET A 472 -10.15 -4.30 -3.90
N PRO A 473 -9.15 -4.35 -3.01
CA PRO A 473 -9.13 -3.52 -1.82
C PRO A 473 -8.94 -2.07 -2.23
N ARG A 474 -8.78 -1.19 -1.25
CA ARG A 474 -8.59 0.22 -1.51
C ARG A 474 -7.21 0.75 -1.12
N ASP A 475 -6.60 0.09 -0.13
CA ASP A 475 -5.31 0.52 0.42
C ASP A 475 -3.98 0.05 -0.18
N GLN A 476 -4.01 -0.64 -1.32
CA GLN A 476 -2.75 -1.08 -1.90
C GLN A 476 -2.39 -0.34 -3.18
N SER A 477 -1.23 -0.64 -3.73
CA SER A 477 -0.79 -0.02 -4.98
C SER A 477 -0.25 -1.15 -5.88
N TYR A 478 0.01 -0.87 -7.15
CA TYR A 478 0.50 -1.92 -8.04
C TYR A 478 1.54 -1.40 -9.02
N LEU A 479 2.14 -2.29 -9.81
CA LEU A 479 3.18 -1.89 -10.73
C LEU A 479 3.33 -2.82 -11.93
N PHE A 480 3.39 -2.18 -13.10
CA PHE A 480 3.53 -2.88 -14.37
C PHE A 480 4.82 -2.44 -15.05
N GLU A 481 5.60 -3.42 -15.52
CA GLU A 481 6.83 -3.13 -16.24
C GLU A 481 6.41 -2.99 -17.70
N VAL A 482 6.92 -1.97 -18.38
CA VAL A 482 6.56 -1.76 -19.78
C VAL A 482 7.79 -1.99 -20.63
N ASN A 483 7.59 -2.66 -21.76
CA ASN A 483 8.68 -2.91 -22.68
C ASN A 483 8.37 -2.12 -23.95
N VAL A 484 9.41 -1.80 -24.70
CA VAL A 484 9.24 -1.08 -25.95
C VAL A 484 9.84 -1.99 -27.00
N ASP A 485 8.99 -2.60 -27.82
CA ASP A 485 9.46 -3.51 -28.85
C ASP A 485 9.80 -2.80 -30.15
N GLU A 486 8.79 -2.55 -30.98
CA GLU A 486 9.02 -1.85 -32.23
C GLU A 486 9.24 -0.39 -31.96
N SER A 487 9.98 0.28 -32.83
CA SER A 487 10.25 1.70 -32.66
C SER A 487 8.96 2.48 -32.79
N ILE A 488 8.75 3.44 -31.90
CA ILE A 488 7.55 4.26 -31.94
C ILE A 488 7.74 5.32 -32.99
N MET A 489 6.71 5.53 -33.81
CA MET A 489 6.80 6.51 -34.88
C MET A 489 6.27 7.87 -34.47
N ALA A 490 5.12 7.89 -33.79
CA ALA A 490 4.50 9.15 -33.36
C ALA A 490 5.31 9.87 -32.29
N ASP A 491 4.91 11.10 -31.98
CA ASP A 491 5.59 11.89 -30.97
C ASP A 491 4.97 11.69 -29.60
N TYR A 492 4.04 10.76 -29.54
CA TYR A 492 3.34 10.46 -28.29
C TYR A 492 2.97 8.98 -28.26
N CYS A 493 2.99 8.41 -27.07
CA CYS A 493 2.61 7.02 -26.88
C CYS A 493 1.62 7.09 -25.73
N TYR A 494 0.81 6.06 -25.54
CA TYR A 494 -0.19 6.10 -24.48
C TYR A 494 -0.38 4.77 -23.78
N VAL A 495 -0.93 4.84 -22.58
CA VAL A 495 -1.19 3.67 -21.78
C VAL A 495 -2.57 3.85 -21.17
N GLN A 496 -3.43 2.85 -21.31
CA GLN A 496 -4.78 2.93 -20.75
C GLN A 496 -5.07 1.74 -19.83
N VAL A 497 -5.31 2.04 -18.56
CA VAL A 497 -5.60 1.02 -17.58
C VAL A 497 -7.13 0.89 -17.53
N ALA A 498 -7.62 -0.34 -17.50
CA ALA A 498 -9.06 -0.59 -17.42
C ALA A 498 -9.39 -1.50 -16.26
N VAL A 499 -10.48 -1.22 -15.55
CA VAL A 499 -10.87 -2.05 -14.43
C VAL A 499 -12.34 -2.46 -14.53
N LEU A 500 -12.58 -3.73 -14.84
CA LEU A 500 -13.92 -4.28 -14.95
C LEU A 500 -14.22 -4.81 -13.55
N LEU A 501 -15.11 -4.14 -12.85
CA LEU A 501 -15.44 -4.48 -11.47
C LEU A 501 -16.92 -4.56 -11.13
N SER A 502 -17.18 -5.16 -9.98
CA SER A 502 -18.52 -5.27 -9.43
C SER A 502 -18.35 -4.59 -8.08
N LEU A 503 -18.93 -3.40 -7.94
CA LEU A 503 -18.81 -2.64 -6.69
C LEU A 503 -19.66 -3.28 -5.60
N ASN A 504 -19.44 -2.87 -4.36
CA ASN A 504 -20.20 -3.42 -3.26
C ASN A 504 -21.57 -2.78 -3.12
N ASN A 505 -22.11 -2.33 -4.25
CA ASN A 505 -23.43 -1.73 -4.29
C ASN A 505 -24.22 -2.40 -5.42
N SER A 506 -23.92 -3.67 -5.63
CA SER A 506 -24.59 -4.46 -6.65
C SER A 506 -24.52 -3.83 -8.04
N GLN A 507 -23.49 -3.02 -8.30
CA GLN A 507 -23.32 -2.37 -9.60
C GLN A 507 -22.08 -2.83 -10.38
N ARG A 508 -22.21 -2.87 -11.70
CA ARG A 508 -21.12 -3.26 -12.57
C ARG A 508 -20.55 -1.98 -13.17
N ARG A 509 -19.26 -1.75 -12.96
CA ARG A 509 -18.60 -0.55 -13.47
C ARG A 509 -17.29 -0.86 -14.20
N ILE A 510 -16.79 0.16 -14.89
CA ILE A 510 -15.55 0.07 -15.63
C ILE A 510 -14.83 1.38 -15.33
N ARG A 511 -13.67 1.31 -14.68
CA ARG A 511 -12.92 2.53 -14.37
C ARG A 511 -11.77 2.61 -15.35
N ILE A 512 -11.64 3.76 -16.01
CA ILE A 512 -10.58 3.94 -16.99
C ILE A 512 -9.56 5.01 -16.57
N ILE A 513 -8.31 4.78 -16.93
CA ILE A 513 -7.23 5.71 -16.63
C ILE A 513 -6.38 5.78 -17.87
N THR A 514 -6.40 6.93 -18.53
CA THR A 514 -5.64 7.10 -19.76
C THR A 514 -4.52 8.09 -19.54
N LEU A 515 -3.31 7.68 -19.93
CA LEU A 515 -2.12 8.51 -19.76
C LEU A 515 -1.43 8.76 -21.07
N ALA A 516 -1.09 10.02 -21.33
CA ALA A 516 -0.39 10.37 -22.56
C ALA A 516 1.01 10.87 -22.20
N MET A 517 2.02 10.38 -22.91
CA MET A 517 3.39 10.77 -22.65
C MET A 517 4.09 11.07 -23.96
N PRO A 518 4.93 12.10 -23.97
CA PRO A 518 5.69 12.54 -25.15
C PRO A 518 6.77 11.52 -25.44
N THR A 519 7.17 11.41 -26.69
CA THR A 519 8.23 10.49 -27.05
C THR A 519 9.42 11.39 -27.32
N THR A 520 10.61 10.82 -27.33
CA THR A 520 11.81 11.62 -27.55
C THR A 520 12.97 10.71 -27.87
N GLU A 521 13.94 11.25 -28.60
CA GLU A 521 15.12 10.49 -28.96
C GLU A 521 16.32 11.04 -28.20
N SER A 522 16.06 12.08 -27.41
CA SER A 522 17.08 12.74 -26.60
C SER A 522 17.25 12.10 -25.23
N LEU A 523 18.41 11.50 -25.01
CA LEU A 523 18.71 10.86 -23.75
C LEU A 523 18.53 11.90 -22.63
N ALA A 524 19.08 13.09 -22.87
CA ALA A 524 18.97 14.14 -21.88
C ALA A 524 17.52 14.33 -21.45
N GLU A 525 16.62 14.33 -22.43
CA GLU A 525 15.19 14.52 -22.17
C GLU A 525 14.58 13.38 -21.37
N VAL A 526 15.02 12.16 -21.67
CA VAL A 526 14.52 11.00 -20.96
C VAL A 526 14.82 11.19 -19.49
N TYR A 527 16.05 11.57 -19.19
CA TYR A 527 16.46 11.78 -17.82
C TYR A 527 15.71 12.92 -17.14
N ALA A 528 15.60 14.06 -17.80
CA ALA A 528 14.93 15.21 -17.20
C ALA A 528 13.47 14.95 -16.82
N SER A 529 12.87 13.92 -17.41
CA SER A 529 11.48 13.62 -17.10
C SER A 529 11.29 12.33 -16.29
N ALA A 530 12.37 11.84 -15.71
CA ALA A 530 12.30 10.64 -14.90
C ALA A 530 11.64 10.93 -13.56
N ASP A 531 10.76 10.01 -13.14
CA ASP A 531 10.04 10.11 -11.87
C ASP A 531 10.80 9.29 -10.81
N GLN A 532 11.69 9.96 -10.09
CA GLN A 532 12.52 9.34 -9.08
C GLN A 532 11.75 8.49 -8.09
N LEU A 533 10.59 8.97 -7.66
CA LEU A 533 9.82 8.19 -6.70
C LEU A 533 9.17 6.98 -7.34
N ALA A 534 8.82 7.09 -8.61
CA ALA A 534 8.20 5.96 -9.30
C ALA A 534 9.30 4.93 -9.51
N ILE A 535 10.43 5.42 -10.03
CA ILE A 535 11.59 4.58 -10.28
C ILE A 535 12.02 3.85 -9.02
N ALA A 536 12.08 4.58 -7.92
CA ALA A 536 12.46 3.99 -6.64
C ALA A 536 11.52 2.83 -6.35
N SER A 537 10.23 3.06 -6.61
CA SER A 537 9.19 2.06 -6.39
C SER A 537 9.46 0.83 -7.23
N PHE A 538 9.75 1.06 -8.51
CA PHE A 538 10.06 -0.03 -9.44
C PHE A 538 11.11 -0.99 -8.84
N TYR A 539 12.28 -0.44 -8.52
CA TYR A 539 13.36 -1.23 -7.96
C TYR A 539 13.01 -1.82 -6.61
N ASN A 540 12.12 -1.16 -5.88
CA ASN A 540 11.67 -1.69 -4.58
C ASN A 540 11.02 -3.04 -4.87
N SER A 541 10.14 -3.07 -5.87
CA SER A 541 9.48 -4.31 -6.24
C SER A 541 10.50 -5.32 -6.76
N LYS A 542 11.38 -4.90 -7.67
CA LYS A 542 12.38 -5.80 -8.20
C LYS A 542 13.13 -6.44 -7.03
N ALA A 543 13.39 -5.63 -6.01
CA ALA A 543 14.10 -6.12 -4.82
C ALA A 543 13.29 -7.16 -4.06
N VAL A 544 11.99 -6.95 -3.92
CA VAL A 544 11.16 -7.91 -3.21
C VAL A 544 11.17 -9.24 -3.96
N GLU A 545 11.18 -9.17 -5.28
CA GLU A 545 11.19 -10.37 -6.10
C GLU A 545 12.53 -11.07 -5.93
N LYS A 546 13.62 -10.34 -6.16
CA LYS A 546 14.95 -10.89 -6.03
C LYS A 546 15.13 -11.60 -4.70
N ALA A 547 14.62 -10.99 -3.64
CA ALA A 547 14.74 -11.60 -2.31
C ALA A 547 13.82 -12.83 -2.18
N LEU A 548 12.51 -12.61 -2.15
CA LEU A 548 11.51 -13.67 -2.02
C LEU A 548 11.68 -14.79 -3.02
N ASN A 549 12.63 -14.67 -3.92
CA ASN A 549 12.85 -15.70 -4.94
C ASN A 549 14.31 -16.11 -5.10
N SER A 550 15.23 -15.22 -4.81
CA SER A 550 16.65 -15.52 -4.95
C SER A 550 17.40 -15.44 -3.62
N SER A 551 17.66 -14.23 -3.15
CA SER A 551 18.37 -14.05 -1.90
C SER A 551 18.44 -12.59 -1.43
N LEU A 552 18.51 -12.42 -0.12
CA LEU A 552 18.59 -11.08 0.44
C LEU A 552 19.79 -10.34 -0.12
N ASP A 553 20.96 -10.96 -0.05
CA ASP A 553 22.17 -10.30 -0.55
C ASP A 553 22.01 -9.91 -2.02
N ASP A 554 21.41 -10.79 -2.81
CA ASP A 554 21.18 -10.49 -4.22
C ASP A 554 20.34 -9.22 -4.34
N ALA A 555 19.40 -9.07 -3.41
CA ALA A 555 18.52 -7.93 -3.36
C ALA A 555 19.35 -6.67 -3.17
N ARG A 556 20.15 -6.65 -2.12
CA ARG A 556 20.99 -5.48 -1.87
C ARG A 556 21.85 -5.21 -3.09
N VAL A 557 22.48 -6.25 -3.59
CA VAL A 557 23.33 -6.12 -4.75
C VAL A 557 22.55 -5.45 -5.89
N LEU A 558 21.28 -5.82 -6.02
CA LEU A 558 20.42 -5.26 -7.06
C LEU A 558 20.10 -3.80 -6.79
N ILE A 559 19.76 -3.50 -5.54
CA ILE A 559 19.41 -2.14 -5.16
C ILE A 559 20.59 -1.21 -5.41
N ASN A 560 21.77 -1.59 -4.93
CA ASN A 560 22.95 -0.76 -5.10
C ASN A 560 23.32 -0.60 -6.57
N LYS A 561 23.05 -1.63 -7.37
CA LYS A 561 23.39 -1.51 -8.76
C LYS A 561 22.48 -0.51 -9.46
N SER A 562 21.19 -0.52 -9.13
CA SER A 562 20.27 0.41 -9.75
C SER A 562 20.83 1.81 -9.69
N VAL A 563 21.48 2.12 -8.57
CA VAL A 563 22.07 3.44 -8.37
C VAL A 563 23.35 3.62 -9.12
N GLN A 564 24.12 2.55 -9.23
CA GLN A 564 25.38 2.65 -9.93
C GLN A 564 25.15 2.80 -11.42
N ASP A 565 24.34 1.91 -11.98
CA ASP A 565 24.05 1.97 -13.40
C ASP A 565 23.64 3.39 -13.78
N ILE A 566 22.76 3.99 -13.00
CA ILE A 566 22.32 5.34 -13.31
C ILE A 566 23.45 6.36 -13.21
N LEU A 567 24.09 6.46 -12.04
CA LEU A 567 25.17 7.43 -11.87
C LEU A 567 26.24 7.23 -12.93
N ALA A 568 26.47 5.99 -13.30
CA ALA A 568 27.47 5.69 -14.31
C ALA A 568 26.98 6.16 -15.66
N THR A 569 25.72 5.84 -15.96
CA THR A 569 25.15 6.20 -17.25
C THR A 569 25.06 7.70 -17.49
N TYR A 570 24.59 8.44 -16.48
CA TYR A 570 24.46 9.89 -16.62
C TYR A 570 25.85 10.46 -16.94
N LYS A 571 26.85 9.96 -16.22
CA LYS A 571 28.22 10.40 -16.39
C LYS A 571 28.74 10.28 -17.82
N LYS A 572 28.75 9.06 -18.34
CA LYS A 572 29.26 8.83 -19.68
C LYS A 572 28.42 9.36 -20.83
N GLU A 573 27.10 9.39 -20.67
CA GLU A 573 26.24 9.84 -21.74
C GLU A 573 25.83 11.31 -21.71
N ILE A 574 26.34 12.07 -20.75
CA ILE A 574 26.03 13.49 -20.66
C ILE A 574 27.28 14.33 -20.31
N VAL A 575 27.43 15.48 -20.96
CA VAL A 575 28.60 16.34 -20.71
C VAL A 575 28.30 17.48 -19.76
N ALA A 580 36.10 21.71 -16.53
CA ALA A 580 35.06 22.66 -16.15
C ALA A 580 34.95 22.78 -14.62
N GLY A 581 35.15 21.66 -13.93
CA GLY A 581 35.08 21.66 -12.48
C GLY A 581 36.13 20.73 -11.90
N GLY A 582 35.88 20.21 -10.70
CA GLY A 582 36.83 19.31 -10.06
C GLY A 582 36.43 17.86 -10.21
N ALA A 583 35.95 17.25 -9.13
CA ALA A 583 35.53 15.86 -9.13
C ALA A 583 34.17 15.71 -8.46
N PRO A 584 33.10 16.06 -9.17
CA PRO A 584 31.77 15.94 -8.57
C PRO A 584 31.08 14.65 -8.98
N LEU A 585 29.97 14.36 -8.32
CA LEU A 585 29.17 13.18 -8.66
C LEU A 585 27.96 13.82 -9.31
N ARG A 586 27.91 13.74 -10.64
CA ARG A 586 26.83 14.37 -11.40
C ARG A 586 25.53 13.60 -11.56
N LEU A 587 24.44 14.37 -11.64
CA LEU A 587 23.10 13.83 -11.80
C LEU A 587 22.14 15.01 -11.94
N CYS A 588 20.98 14.77 -12.54
CA CYS A 588 20.00 15.84 -12.69
C CYS A 588 19.18 16.01 -11.42
N ALA A 589 18.59 17.19 -11.26
CA ALA A 589 17.79 17.54 -10.07
C ALA A 589 16.59 16.65 -9.77
N ASN A 590 15.88 16.20 -10.81
CA ASN A 590 14.71 15.36 -10.59
C ASN A 590 15.01 13.93 -10.14
N LEU A 591 16.29 13.55 -10.13
CA LEU A 591 16.72 12.22 -9.70
C LEU A 591 17.55 12.31 -8.43
N ARG A 592 17.71 13.53 -7.93
CA ARG A 592 18.50 13.88 -6.75
C ARG A 592 18.17 13.17 -5.46
N MET A 593 17.10 12.40 -5.43
CA MET A 593 16.75 11.70 -4.20
C MET A 593 16.82 10.19 -4.35
N PHE A 594 17.02 9.72 -5.59
CA PHE A 594 17.09 8.29 -5.87
C PHE A 594 18.21 7.52 -5.15
N PRO A 595 19.45 8.03 -5.21
CA PRO A 595 20.55 7.32 -4.53
C PRO A 595 20.23 7.17 -3.03
N LEU A 596 19.76 8.25 -2.44
CA LEU A 596 19.43 8.27 -1.04
C LEU A 596 18.34 7.25 -0.70
N LEU A 597 17.38 7.11 -1.60
CA LEU A 597 16.29 6.17 -1.36
C LEU A 597 16.79 4.74 -1.50
N MET A 598 17.51 4.43 -2.58
CA MET A 598 17.98 3.05 -2.72
C MET A 598 18.92 2.71 -1.56
N HIS A 599 19.83 3.63 -1.26
CA HIS A 599 20.73 3.41 -0.15
C HIS A 599 19.91 3.18 1.12
N SER A 600 18.98 4.08 1.38
CA SER A 600 18.13 3.97 2.57
C SER A 600 17.35 2.68 2.54
N LEU A 601 16.94 2.28 1.35
CA LEU A 601 16.18 1.04 1.19
C LEU A 601 16.97 -0.16 1.73
N THR A 602 18.27 -0.22 1.43
CA THR A 602 19.11 -1.33 1.89
C THR A 602 19.16 -1.45 3.42
N LYS A 603 18.88 -0.36 4.12
CA LYS A 603 18.92 -0.42 5.58
C LYS A 603 17.56 -0.79 6.14
N HIS A 604 16.57 -0.91 5.28
CA HIS A 604 15.23 -1.26 5.69
C HIS A 604 15.18 -2.68 6.24
N MET A 605 14.32 -2.89 7.23
CA MET A 605 14.17 -4.18 7.84
C MET A 605 13.94 -5.29 6.82
N ALA A 606 13.46 -4.93 5.64
CA ALA A 606 13.20 -5.92 4.62
C ALA A 606 14.44 -6.38 3.86
N PHE A 607 15.49 -5.55 3.85
CA PHE A 607 16.68 -5.93 3.10
C PHE A 607 17.97 -5.90 3.88
N ARG A 608 17.87 -5.44 5.12
CA ARG A 608 19.03 -5.34 6.00
C ARG A 608 19.92 -6.55 5.98
N SER A 609 21.18 -6.32 6.33
CA SER A 609 22.12 -7.41 6.46
C SER A 609 22.03 -7.64 7.98
N GLY A 610 22.52 -8.76 8.47
CA GLY A 610 22.45 -8.97 9.90
C GLY A 610 21.27 -9.82 10.31
N ILE A 611 20.91 -9.75 11.59
CA ILE A 611 19.81 -10.56 12.09
C ILE A 611 18.45 -9.88 12.11
N VAL A 612 17.46 -10.58 11.59
CA VAL A 612 16.08 -10.12 11.54
C VAL A 612 15.17 -11.35 11.58
N PRO A 613 14.36 -11.47 12.64
CA PRO A 613 13.44 -12.60 12.80
C PRO A 613 12.64 -12.88 11.53
N SER A 614 12.44 -14.15 11.23
CA SER A 614 11.72 -14.55 10.02
C SER A 614 10.39 -13.81 9.82
N ASP A 615 9.53 -13.78 10.83
CA ASP A 615 8.24 -13.11 10.69
C ASP A 615 8.38 -11.62 10.35
N HIS A 616 9.20 -10.91 11.11
CA HIS A 616 9.39 -9.48 10.87
C HIS A 616 9.88 -9.17 9.46
N ARG A 617 10.76 -10.02 8.96
CA ARG A 617 11.32 -9.82 7.64
C ARG A 617 10.26 -9.98 6.56
N ALA A 618 9.47 -11.04 6.68
CA ALA A 618 8.42 -11.33 5.72
C ALA A 618 7.38 -10.20 5.74
N SER A 619 7.00 -9.79 6.95
CA SER A 619 6.03 -8.73 7.14
C SER A 619 6.53 -7.49 6.42
N ALA A 620 7.75 -7.10 6.72
CA ALA A 620 8.35 -5.93 6.11
C ALA A 620 8.28 -6.03 4.59
N LEU A 621 8.58 -7.22 4.07
CA LEU A 621 8.59 -7.43 2.63
C LEU A 621 7.19 -7.37 2.04
N ASN A 622 6.22 -7.89 2.78
CA ASN A 622 4.83 -7.88 2.32
C ASN A 622 4.31 -6.45 2.22
N ASN A 623 4.62 -5.64 3.23
CA ASN A 623 4.20 -4.24 3.27
C ASN A 623 4.84 -3.42 2.13
N LEU A 624 6.17 -3.45 2.02
CA LEU A 624 6.85 -2.72 0.96
C LEU A 624 6.31 -3.01 -0.42
N GLU A 625 5.92 -4.25 -0.67
CA GLU A 625 5.46 -4.57 -2.02
C GLU A 625 4.07 -4.07 -2.37
N SER A 626 3.25 -3.76 -1.37
CA SER A 626 1.88 -3.33 -1.67
C SER A 626 1.50 -1.89 -1.25
N LEU A 627 2.37 -1.25 -0.48
CA LEU A 627 2.13 0.10 0.02
C LEU A 627 2.00 1.16 -1.09
N PRO A 628 1.19 2.20 -0.87
CA PRO A 628 1.00 3.27 -1.86
C PRO A 628 2.26 4.11 -1.92
N LEU A 629 2.63 4.55 -3.11
CA LEU A 629 3.85 5.34 -3.28
C LEU A 629 4.20 6.27 -2.11
N LYS A 630 3.25 7.14 -1.77
CA LYS A 630 3.43 8.12 -0.70
C LYS A 630 3.80 7.45 0.63
N TYR A 631 3.25 6.29 0.91
CA TYR A 631 3.61 5.66 2.16
C TYR A 631 4.84 4.78 2.02
N LEU A 632 5.17 4.41 0.79
CA LEU A 632 6.34 3.59 0.56
C LEU A 632 7.57 4.44 0.79
N ILE A 633 7.59 5.64 0.21
CA ILE A 633 8.73 6.51 0.38
C ILE A 633 8.95 6.85 1.86
N LYS A 634 7.88 7.04 2.61
CA LYS A 634 8.05 7.38 4.02
C LYS A 634 8.52 6.18 4.83
N ASN A 635 8.18 4.98 4.39
CA ASN A 635 8.59 3.78 5.10
C ASN A 635 10.09 3.54 4.88
N ILE A 636 10.59 4.03 3.75
CA ILE A 636 11.99 3.88 3.40
C ILE A 636 12.80 5.02 4.00
N TYR A 637 12.25 6.23 3.93
CA TYR A 637 12.92 7.39 4.51
C TYR A 637 11.85 8.05 5.37
N PRO A 638 12.13 8.19 6.67
CA PRO A 638 11.21 8.78 7.63
C PRO A 638 11.06 10.27 7.73
N ASP A 639 9.87 10.68 8.14
CA ASP A 639 9.63 12.09 8.36
C ASP A 639 10.10 12.23 9.79
N VAL A 640 11.02 13.16 10.03
CA VAL A 640 11.54 13.42 11.37
C VAL A 640 11.22 14.87 11.71
N TYR A 641 10.68 15.08 12.91
CA TYR A 641 10.32 16.42 13.34
C TYR A 641 11.07 16.92 14.55
N SER A 642 11.53 18.16 14.46
CA SER A 642 12.25 18.78 15.56
C SER A 642 11.21 19.58 16.36
N LEU A 643 10.82 19.03 17.51
CA LEU A 643 9.80 19.61 18.37
C LEU A 643 10.19 20.72 19.35
N HIS A 644 11.30 20.57 20.06
CA HIS A 644 11.68 21.58 21.04
C HIS A 644 11.86 23.00 20.48
N ASP A 645 12.17 23.10 19.19
CA ASP A 645 12.36 24.40 18.56
C ASP A 645 11.34 24.57 17.45
N MET A 646 10.19 23.95 17.68
CA MET A 646 9.06 23.96 16.78
C MET A 646 8.54 25.39 16.59
N ALA A 647 7.96 25.65 15.42
CA ALA A 647 7.40 26.97 15.13
C ALA A 647 6.07 27.08 15.86
N ASP A 648 5.71 28.30 16.24
CA ASP A 648 4.47 28.56 16.98
C ASP A 648 3.18 28.07 16.32
N GLU A 649 3.15 28.00 14.99
CA GLU A 649 1.96 27.52 14.27
C GLU A 649 1.91 26.00 14.39
N ALA A 650 3.07 25.39 14.22
CA ALA A 650 3.22 23.95 14.31
C ALA A 650 2.59 23.45 15.60
N GLY A 651 1.76 22.42 15.50
CA GLY A 651 1.11 21.89 16.68
C GLY A 651 -0.32 22.37 16.85
N LEU A 652 -0.69 23.38 16.08
CA LEU A 652 -2.04 23.96 16.14
C LEU A 652 -2.69 23.97 14.75
N PRO A 653 -4.03 24.00 14.71
CA PRO A 653 -4.79 24.02 13.45
C PRO A 653 -4.42 25.20 12.53
N VAL A 654 -5.06 25.26 11.37
CA VAL A 654 -4.79 26.34 10.43
C VAL A 654 -5.93 27.34 10.39
N GLY A 663 -10.05 21.45 10.96
CA GLY A 663 -9.46 20.82 12.12
C GLY A 663 -8.16 20.08 11.84
N THR A 664 -7.46 20.52 10.80
CA THR A 664 -6.19 19.91 10.40
C THR A 664 -5.04 20.64 11.08
N ILE A 665 -4.16 19.86 11.73
CA ILE A 665 -3.01 20.43 12.44
C ILE A 665 -1.83 20.71 11.52
N VAL A 666 -1.02 21.70 11.90
CA VAL A 666 0.17 22.07 11.14
C VAL A 666 1.34 21.31 11.73
N LEU A 667 2.13 20.71 10.85
CA LEU A 667 3.28 19.94 11.26
C LEU A 667 4.52 20.75 10.99
N PRO A 668 5.58 20.54 11.78
CA PRO A 668 6.83 21.28 11.59
C PRO A 668 7.41 20.83 10.27
N GLN A 669 8.47 21.47 9.80
CA GLN A 669 9.06 21.00 8.56
C GLN A 669 9.94 19.81 8.95
N PRO A 670 10.06 18.82 8.07
CA PRO A 670 10.90 17.66 8.39
C PRO A 670 12.38 17.98 8.35
N ILE A 671 13.14 17.27 9.18
CA ILE A 671 14.60 17.42 9.26
C ILE A 671 15.22 16.13 8.77
N ASN A 672 16.46 16.19 8.28
CA ASN A 672 17.10 14.98 7.78
C ASN A 672 17.17 13.85 8.79
N ALA A 673 17.12 12.62 8.28
CA ALA A 673 17.16 11.41 9.11
C ALA A 673 18.57 11.02 9.57
N THR A 674 19.14 11.85 10.44
CA THR A 674 20.47 11.62 10.96
C THR A 674 20.52 12.04 12.41
N SER A 675 21.29 11.32 13.21
CA SER A 675 21.40 11.68 14.61
C SER A 675 22.32 12.89 14.84
N SER A 676 22.88 13.45 13.77
CA SER A 676 23.75 14.63 13.88
C SER A 676 22.91 15.83 14.28
N LEU A 677 21.61 15.76 14.02
CA LEU A 677 20.75 16.88 14.34
C LEU A 677 20.07 16.71 15.70
N PHE A 678 20.18 15.53 16.28
CA PHE A 678 19.57 15.27 17.58
C PHE A 678 20.35 15.89 18.74
N GLU A 679 20.17 17.19 18.95
CA GLU A 679 20.84 17.86 20.06
C GLU A 679 20.52 17.04 21.30
N ARG A 680 21.39 17.03 22.30
CA ARG A 680 21.14 16.21 23.48
C ARG A 680 20.13 16.82 24.46
N TYR A 681 19.55 17.95 24.08
CA TYR A 681 18.58 18.64 24.92
C TYR A 681 17.27 18.87 24.15
N GLY A 682 17.15 18.26 22.98
CA GLY A 682 15.97 18.46 22.16
C GLY A 682 14.89 17.40 22.21
N LEU A 683 13.85 17.63 21.44
CA LEU A 683 12.72 16.70 21.38
C LEU A 683 12.50 16.38 19.93
N TYR A 684 12.48 15.09 19.63
CA TYR A 684 12.27 14.67 18.26
C TYR A 684 11.20 13.60 18.17
N LEU A 685 10.51 13.59 17.03
CA LEU A 685 9.45 12.63 16.76
C LEU A 685 9.73 12.04 15.38
N ILE A 686 9.79 10.71 15.32
CA ILE A 686 10.05 10.01 14.07
C ILE A 686 8.84 9.22 13.60
N ASP A 687 8.53 9.37 12.33
CA ASP A 687 7.43 8.66 11.72
C ASP A 687 7.99 7.88 10.54
N ASN A 688 7.97 6.56 10.67
CA ASN A 688 8.47 5.68 9.63
C ASN A 688 7.33 4.91 8.98
N GLY A 689 6.12 5.39 9.21
CA GLY A 689 4.94 4.76 8.62
C GLY A 689 4.46 3.53 9.36
N ASN A 690 5.31 2.99 10.22
CA ASN A 690 4.96 1.79 10.97
C ASN A 690 4.74 2.14 12.43
N GLU A 691 5.59 3.03 12.94
CA GLU A 691 5.50 3.46 14.33
C GLU A 691 5.88 4.93 14.42
N LEU A 692 5.80 5.45 15.63
CA LEU A 692 6.19 6.82 15.89
C LEU A 692 7.16 6.72 17.06
N PHE A 693 8.25 7.44 16.97
CA PHE A 693 9.23 7.41 18.04
C PHE A 693 9.37 8.79 18.63
N LEU A 694 9.15 8.90 19.94
CA LEU A 694 9.30 10.18 20.61
C LEU A 694 10.62 10.07 21.35
N TRP A 695 11.62 10.78 20.85
CA TRP A 695 12.95 10.77 21.43
C TRP A 695 13.22 12.06 22.16
N MET A 696 13.53 11.97 23.45
CA MET A 696 13.84 13.15 24.23
C MET A 696 15.28 13.12 24.74
N GLY A 697 16.06 14.10 24.30
CA GLY A 697 17.46 14.18 24.68
C GLY A 697 17.70 14.03 26.18
N GLY A 698 18.74 13.28 26.53
CA GLY A 698 19.04 13.07 27.93
C GLY A 698 19.26 14.34 28.74
N ASP A 699 19.74 15.38 28.08
CA ASP A 699 20.01 16.64 28.77
C ASP A 699 18.86 17.64 28.61
N ALA A 700 17.64 17.15 28.66
CA ALA A 700 16.48 18.02 28.50
C ALA A 700 16.27 18.88 29.75
N VAL A 701 16.07 20.16 29.53
CA VAL A 701 15.83 21.10 30.61
C VAL A 701 14.54 20.71 31.31
N PRO A 702 14.55 20.64 32.65
CA PRO A 702 13.36 20.28 33.42
C PRO A 702 12.06 20.94 32.93
N ALA A 703 12.18 22.12 32.35
CA ALA A 703 11.02 22.86 31.85
C ALA A 703 10.37 22.12 30.68
N LEU A 704 11.19 21.71 29.72
CA LEU A 704 10.70 20.96 28.57
C LEU A 704 10.17 19.62 29.07
N VAL A 705 10.97 18.93 29.88
CA VAL A 705 10.59 17.63 30.43
C VAL A 705 9.21 17.74 31.10
N PHE A 706 8.94 18.91 31.66
CA PHE A 706 7.68 19.15 32.34
C PHE A 706 6.50 19.32 31.38
N ASP A 707 6.65 20.26 30.44
CA ASP A 707 5.61 20.54 29.46
C ASP A 707 5.13 19.30 28.71
N VAL A 708 5.92 18.24 28.73
CA VAL A 708 5.53 17.04 28.00
C VAL A 708 5.03 15.87 28.85
N PHE A 709 5.65 15.61 29.99
CA PHE A 709 5.22 14.49 30.81
C PHE A 709 4.68 14.84 32.21
N GLY A 710 4.83 16.10 32.61
CA GLY A 710 4.34 16.49 33.92
C GLY A 710 5.39 16.58 35.02
N THR A 711 6.45 15.81 34.89
CA THR A 711 7.52 15.81 35.89
C THR A 711 8.70 16.64 35.39
N GLN A 712 9.66 16.90 36.27
CA GLN A 712 10.86 17.64 35.92
C GLN A 712 11.98 16.62 35.84
N ASP A 713 11.77 15.48 36.49
CA ASP A 713 12.73 14.39 36.51
C ASP A 713 12.65 13.65 35.18
N ILE A 714 13.68 13.82 34.35
CA ILE A 714 13.69 13.18 33.05
C ILE A 714 13.85 11.68 33.14
N PHE A 715 14.37 11.19 34.26
CA PHE A 715 14.55 9.75 34.44
C PHE A 715 13.28 9.12 34.99
N ASP A 716 12.21 9.92 35.10
CA ASP A 716 10.94 9.45 35.63
C ASP A 716 9.95 9.24 34.48
N ILE A 717 10.35 9.70 33.30
CA ILE A 717 9.55 9.61 32.08
C ILE A 717 9.05 8.22 31.68
N PRO A 718 7.88 8.15 31.04
CA PRO A 718 7.28 6.89 30.60
C PRO A 718 8.17 6.28 29.53
N ILE A 719 8.47 5.00 29.64
CA ILE A 719 9.33 4.37 28.67
C ILE A 719 8.69 3.25 27.88
N GLY A 720 9.03 3.18 26.59
CA GLY A 720 8.51 2.15 25.74
C GLY A 720 7.26 2.52 24.98
N LYS A 721 6.44 1.51 24.71
CA LYS A 721 5.20 1.71 23.97
C LYS A 721 4.13 2.25 24.91
N GLN A 722 4.00 3.57 24.91
CA GLN A 722 3.00 4.24 25.73
C GLN A 722 2.67 5.61 25.18
N GLU A 723 1.47 6.09 25.49
CA GLU A 723 1.00 7.38 25.01
C GLU A 723 1.46 8.51 25.91
N ILE A 724 1.39 9.71 25.35
CA ILE A 724 1.78 10.91 26.07
C ILE A 724 0.60 11.40 26.90
N PRO A 725 0.80 11.54 28.23
CA PRO A 725 -0.24 11.99 29.15
C PRO A 725 -0.67 13.41 28.85
N VAL A 726 -1.91 13.73 29.20
CA VAL A 726 -2.41 15.08 28.99
C VAL A 726 -2.02 15.96 30.18
N VAL A 727 -1.14 16.91 29.92
CA VAL A 727 -0.67 17.85 30.94
C VAL A 727 -1.44 19.16 30.81
N GLU A 728 -2.45 19.32 31.66
CA GLU A 728 -3.31 20.50 31.63
C GLU A 728 -2.55 21.79 31.87
N ASN A 729 -2.95 22.82 31.13
CA ASN A 729 -2.32 24.13 31.23
C ASN A 729 -0.88 24.02 30.75
N SER A 730 -0.76 23.48 29.54
CA SER A 730 0.51 23.28 28.88
C SER A 730 0.20 23.23 27.39
N GLU A 731 0.15 24.41 26.76
CA GLU A 731 -0.16 24.47 25.34
C GLU A 731 0.78 23.56 24.55
N PHE A 732 2.02 23.41 25.03
CA PHE A 732 3.00 22.57 24.36
C PHE A 732 2.57 21.10 24.39
N ASN A 733 2.13 20.63 25.55
CA ASN A 733 1.68 19.25 25.68
C ASN A 733 0.54 19.01 24.71
N GLN A 734 -0.26 20.04 24.46
CA GLN A 734 -1.39 19.92 23.54
C GLN A 734 -0.90 19.90 22.11
N ARG A 735 0.14 20.67 21.82
CA ARG A 735 0.69 20.72 20.46
C ARG A 735 1.38 19.40 20.09
N VAL A 736 2.04 18.79 21.06
CA VAL A 736 2.70 17.51 20.83
C VAL A 736 1.58 16.53 20.52
N ARG A 737 0.72 16.29 21.50
CA ARG A 737 -0.41 15.38 21.33
C ARG A 737 -1.17 15.72 20.04
N ASN A 738 -1.18 17.00 19.68
CA ASN A 738 -1.85 17.43 18.45
C ASN A 738 -1.21 16.78 17.24
N ILE A 739 0.08 17.03 17.07
CA ILE A 739 0.86 16.49 15.96
C ILE A 739 0.79 14.97 15.86
N ILE A 740 0.87 14.30 17.00
CA ILE A 740 0.81 12.85 17.03
C ILE A 740 -0.48 12.34 16.38
N ASN A 741 -1.61 12.89 16.80
CA ASN A 741 -2.92 12.50 16.29
C ASN A 741 -3.13 12.88 14.82
N GLN A 742 -2.43 13.92 14.37
CA GLN A 742 -2.53 14.33 12.98
C GLN A 742 -1.77 13.31 12.14
N LEU A 743 -0.70 12.78 12.70
CA LEU A 743 0.11 11.80 12.00
C LEU A 743 -0.60 10.47 11.99
N ARG A 744 -1.59 10.32 12.85
CA ARG A 744 -2.36 9.09 12.93
C ARG A 744 -3.62 9.12 12.05
N ASN A 745 -4.03 10.29 11.60
CA ASN A 745 -5.23 10.34 10.79
C ASN A 745 -4.96 10.24 9.29
N HIS A 746 -5.41 9.13 8.71
CA HIS A 746 -5.25 8.88 7.28
C HIS A 746 -6.55 8.27 6.81
N ASP A 747 -7.03 8.66 5.64
CA ASP A 747 -8.28 8.12 5.13
C ASP A 747 -8.06 7.14 3.97
N ASP A 748 -6.80 6.75 3.78
CA ASP A 748 -6.44 5.84 2.71
C ASP A 748 -5.68 4.60 3.17
N VAL A 749 -5.47 4.46 4.47
CA VAL A 749 -4.80 3.27 5.03
C VAL A 749 -5.33 3.00 6.43
N ILE A 750 -5.29 1.73 6.82
CA ILE A 750 -5.80 1.37 8.12
C ILE A 750 -4.77 1.50 9.22
N THR A 751 -3.51 1.69 8.82
CA THR A 751 -2.40 1.78 9.76
C THR A 751 -2.62 2.64 11.01
N TYR A 752 -2.34 2.06 12.17
CA TYR A 752 -2.43 2.77 13.44
C TYR A 752 -1.03 2.71 14.03
N GLN A 753 -0.33 3.85 14.00
CA GLN A 753 1.03 3.88 14.49
C GLN A 753 1.23 4.04 15.99
N SER A 754 1.72 2.99 16.61
CA SER A 754 1.99 2.99 18.04
C SER A 754 3.11 3.97 18.35
N LEU A 755 3.10 4.48 19.57
CA LEU A 755 4.12 5.41 20.01
C LEU A 755 5.14 4.77 20.95
N TYR A 756 6.41 4.98 20.67
CA TYR A 756 7.50 4.47 21.50
C TYR A 756 8.27 5.67 22.03
N ILE A 757 8.29 5.78 23.35
CA ILE A 757 8.98 6.89 23.99
C ILE A 757 10.35 6.45 24.46
N VAL A 758 11.38 7.08 23.90
CA VAL A 758 12.76 6.74 24.22
C VAL A 758 13.57 7.87 24.83
N ARG A 759 14.32 7.55 25.87
CA ARG A 759 15.15 8.54 26.57
C ARG A 759 16.61 8.51 26.11
N GLY A 760 17.10 9.65 25.66
CA GLY A 760 18.49 9.70 25.23
C GLY A 760 19.40 9.48 26.42
N ALA A 761 20.70 9.55 26.19
CA ALA A 761 21.66 9.34 27.26
C ALA A 761 22.24 10.66 27.72
N SER A 762 22.40 10.78 29.03
CA SER A 762 22.97 11.99 29.62
C SER A 762 24.44 11.78 30.03
N LEU A 763 25.09 12.85 30.47
CA LEU A 763 26.49 12.79 30.91
C LEU A 763 26.57 12.11 32.31
N SER A 764 25.51 12.32 33.10
CA SER A 764 25.45 11.75 34.45
C SER A 764 24.26 10.78 34.54
N GLU A 765 24.33 9.67 33.81
CA GLU A 765 23.23 8.72 33.81
C GLU A 765 23.37 7.68 34.93
N PRO A 766 22.39 7.66 35.83
CA PRO A 766 22.21 6.81 37.01
C PRO A 766 22.06 5.31 36.78
N VAL A 767 21.72 4.60 37.87
CA VAL A 767 21.61 3.13 37.88
C VAL A 767 20.19 2.53 37.77
N ASN A 768 19.97 1.77 36.69
CA ASN A 768 18.72 1.08 36.47
C ASN A 768 18.98 -0.12 35.56
N HIS A 769 19.88 -1.00 36.01
CA HIS A 769 20.23 -2.18 35.21
C HIS A 769 19.10 -2.88 34.41
N ALA A 770 17.92 -3.11 35.03
CA ALA A 770 16.78 -3.78 34.35
C ALA A 770 16.38 -2.96 33.13
N SER A 771 16.12 -1.68 33.35
CA SER A 771 15.73 -0.76 32.27
C SER A 771 16.84 -0.69 31.22
N ALA A 772 18.07 -0.52 31.68
CA ALA A 772 19.23 -0.42 30.79
C ALA A 772 19.08 -1.38 29.61
N ARG A 773 18.62 -2.60 29.90
CA ARG A 773 18.44 -3.60 28.86
C ARG A 773 17.24 -3.18 28.01
N GLU A 774 16.10 -3.00 28.67
CA GLU A 774 14.87 -2.59 28.00
C GLU A 774 15.02 -1.30 27.20
N VAL A 775 15.79 -0.35 27.73
CA VAL A 775 16.00 0.94 27.07
C VAL A 775 17.04 0.91 25.96
N ALA A 776 18.11 0.16 26.15
CA ALA A 776 19.15 0.08 25.13
C ALA A 776 18.48 -0.40 23.85
N THR A 777 17.43 -1.20 24.00
CA THR A 777 16.72 -1.73 22.85
C THR A 777 15.99 -0.65 22.05
N LEU A 778 15.49 0.36 22.77
CA LEU A 778 14.77 1.48 22.16
C LEU A 778 15.72 2.40 21.45
N ARG A 779 16.72 2.89 22.18
CA ARG A 779 17.70 3.79 21.59
C ARG A 779 18.29 3.15 20.35
N LEU A 780 18.39 1.83 20.38
CA LEU A 780 18.94 1.08 19.27
C LEU A 780 17.95 1.09 18.12
N TRP A 781 16.73 0.67 18.39
CA TRP A 781 15.66 0.61 17.41
C TRP A 781 15.42 1.96 16.76
N ALA A 782 15.26 2.98 17.59
CA ALA A 782 15.03 4.33 17.11
C ALA A 782 16.25 4.81 16.31
N SER A 783 17.43 4.45 16.79
CA SER A 783 18.67 4.86 16.12
C SER A 783 18.79 4.27 14.73
N SER A 784 18.31 3.04 14.58
CA SER A 784 18.36 2.37 13.30
C SER A 784 17.38 2.95 12.30
N THR A 785 16.56 3.92 12.72
CA THR A 785 15.60 4.52 11.79
C THR A 785 16.24 5.66 11.02
N LEU A 786 17.21 6.32 11.64
CA LEU A 786 17.89 7.44 11.01
C LEU A 786 18.85 6.92 9.94
N VAL A 787 18.24 6.39 8.89
CA VAL A 787 18.91 5.79 7.76
C VAL A 787 20.02 6.53 7.02
N GLU A 788 20.39 7.71 7.48
CA GLU A 788 21.46 8.45 6.83
C GLU A 788 22.78 8.16 7.54
N ASP A 789 22.66 7.62 8.75
CA ASP A 789 23.81 7.29 9.57
C ASP A 789 24.44 5.94 9.32
N LYS A 790 25.68 5.82 9.77
CA LYS A 790 26.38 4.56 9.67
C LYS A 790 25.66 3.68 10.69
N ILE A 791 25.32 2.46 10.29
CA ILE A 791 24.65 1.56 11.22
C ILE A 791 25.22 0.17 11.05
N LEU A 792 25.96 -0.27 12.08
CA LEU A 792 26.57 -1.59 12.06
C LEU A 792 27.63 -1.66 10.96
N ASN A 793 27.49 -2.65 10.09
CA ASN A 793 28.42 -2.87 9.00
C ASN A 793 28.01 -2.13 7.74
N ASN A 794 27.04 -1.23 7.87
CA ASN A 794 26.56 -0.45 6.74
C ASN A 794 27.08 0.97 6.86
N GLU A 795 27.56 1.52 5.75
CA GLU A 795 28.10 2.87 5.74
C GLU A 795 27.04 3.98 5.76
N SER A 796 27.47 5.18 6.08
CA SER A 796 26.59 6.34 6.13
C SER A 796 26.20 6.71 4.69
N TYR A 797 25.26 7.64 4.53
CA TYR A 797 24.84 8.06 3.20
C TYR A 797 25.96 8.87 2.56
N ARG A 798 26.66 9.64 3.38
CA ARG A 798 27.78 10.42 2.88
C ARG A 798 28.79 9.48 2.26
N GLU A 799 29.14 8.44 3.02
CA GLU A 799 30.10 7.48 2.52
C GLU A 799 29.56 6.79 1.28
N PHE A 800 28.29 6.37 1.33
CA PHE A 800 27.66 5.69 0.20
C PHE A 800 27.92 6.45 -1.07
N LEU A 801 27.67 7.76 -1.02
CA LEU A 801 27.90 8.61 -2.18
C LEU A 801 29.36 8.56 -2.64
N GLN A 802 30.29 8.62 -1.69
CA GLN A 802 31.71 8.58 -2.02
C GLN A 802 32.06 7.25 -2.69
N ILE A 803 31.58 6.16 -2.11
CA ILE A 803 31.85 4.85 -2.66
C ILE A 803 31.40 4.76 -4.11
N MET A 804 30.26 5.39 -4.41
CA MET A 804 29.73 5.35 -5.77
C MET A 804 30.63 6.13 -6.72
N LYS A 805 31.10 7.30 -6.29
CA LYS A 805 32.00 8.09 -7.14
C LYS A 805 33.20 7.23 -7.51
N ALA A 806 33.70 6.49 -6.54
CA ALA A 806 34.86 5.63 -6.74
C ALA A 806 34.61 4.52 -7.75
N ARG A 807 33.40 3.98 -7.77
CA ARG A 807 33.08 2.88 -8.67
C ARG A 807 32.83 3.25 -10.13
N ILE A 808 32.26 4.42 -10.38
CA ILE A 808 31.98 4.81 -11.76
C ILE A 808 33.16 5.55 -12.38
N SER A 809 34.34 5.36 -11.81
CA SER A 809 35.53 6.04 -12.30
C SER A 809 36.54 5.13 -12.99
N LYS A 810 37.58 5.76 -13.56
CA LYS A 810 38.65 5.04 -14.26
C LYS A 810 40.00 5.24 -13.56
N LEU B 1 -12.96 -13.68 -17.01
CA LEU B 1 -13.61 -12.35 -17.08
C LEU B 1 -12.84 -11.41 -18.00
N ALA B 2 -11.75 -11.93 -18.57
CA ALA B 2 -10.94 -11.16 -19.51
C ALA B 2 -11.76 -11.11 -20.77
N SER B 3 -12.53 -12.17 -20.98
CA SER B 3 -13.39 -12.29 -22.12
C SER B 3 -14.31 -11.09 -22.16
N LEU B 4 -14.78 -10.69 -20.99
CA LEU B 4 -15.69 -9.55 -20.83
C LEU B 4 -14.98 -8.21 -20.98
N GLU B 5 -13.80 -8.08 -20.37
CA GLU B 5 -13.05 -6.83 -20.44
C GLU B 5 -12.59 -6.53 -21.85
N SER B 6 -12.16 -7.57 -22.56
CA SER B 6 -11.69 -7.41 -23.93
C SER B 6 -12.86 -7.18 -24.87
N GLN B 7 -14.02 -7.73 -24.49
CA GLN B 7 -15.22 -7.60 -25.29
C GLN B 7 -14.86 -7.89 -26.75
N SER B 8 -14.22 -9.04 -26.98
CA SER B 8 -13.81 -9.42 -28.31
C SER B 8 -14.79 -10.43 -28.91
ZN ZN C . -7.30 0.72 -31.45
#